data_5X37
#
_entry.id   5X37
#
loop_
_entity.id
_entity.type
_entity.pdbx_description
1 polymer 'Exoglucanase 1'
2 non-polymer alpha-D-mannopyranose
#
_entity_poly.entity_id   1
_entity_poly.type   'polypeptide(L)'
_entity_poly.pdbx_seq_one_letter_code
;TQSHYGQCGGIGYSGPTVCASGTTCQVLNPYYSQCL
;
_entity_poly.pdbx_strand_id   A
#
loop_
_chem_comp.id
_chem_comp.type
_chem_comp.name
_chem_comp.formula
MAN D-saccharide, alpha linking alpha-D-mannopyranose 'C6 H12 O6'
#
# COMPACT_ATOMS: atom_id res chain seq x y z
N THR A 1 9.22 -4.86 1.99
CA THR A 1 8.47 -3.72 1.48
C THR A 1 7.31 -4.24 0.64
N GLN A 2 6.25 -3.47 0.56
CA GLN A 2 5.08 -3.91 -0.17
C GLN A 2 5.29 -3.70 -1.67
N SER A 3 4.93 -4.70 -2.43
CA SER A 3 5.12 -4.76 -3.85
C SER A 3 4.12 -3.90 -4.66
N HIS A 4 4.48 -3.68 -5.91
CA HIS A 4 3.71 -2.89 -6.85
C HIS A 4 2.37 -3.59 -7.14
N TYR A 5 1.28 -2.83 -7.01
CA TYR A 5 -0.11 -3.31 -7.22
C TYR A 5 -0.63 -4.17 -6.07
N GLY A 6 0.02 -4.08 -4.95
CA GLY A 6 -0.45 -4.76 -3.76
C GLY A 6 -0.94 -3.75 -2.75
N GLN A 7 -1.67 -4.20 -1.74
CA GLN A 7 -2.20 -3.31 -0.73
C GLN A 7 -1.12 -2.96 0.28
N CYS A 8 -0.79 -1.70 0.34
CA CYS A 8 0.25 -1.20 1.21
C CYS A 8 -0.21 -1.01 2.63
N GLY A 9 -1.30 -0.29 2.82
CA GLY A 9 -1.74 -0.02 4.15
C GLY A 9 -2.94 0.85 4.18
N GLY A 10 -4.08 0.23 4.29
CA GLY A 10 -5.30 0.94 4.44
C GLY A 10 -5.82 0.72 5.82
N ILE A 11 -6.98 1.25 6.12
CA ILE A 11 -7.59 1.08 7.42
C ILE A 11 -7.85 -0.41 7.68
N GLY A 12 -7.18 -0.96 8.66
CA GLY A 12 -7.38 -2.34 8.99
C GLY A 12 -6.26 -3.21 8.49
N TYR A 13 -5.43 -2.69 7.60
CA TYR A 13 -4.33 -3.46 7.07
C TYR A 13 -3.13 -3.26 7.94
N SER A 14 -2.72 -4.30 8.59
CA SER A 14 -1.59 -4.26 9.47
C SER A 14 -0.46 -5.03 8.82
N GLY A 15 0.66 -4.37 8.62
CA GLY A 15 1.78 -5.02 8.02
C GLY A 15 2.75 -4.00 7.50
N PRO A 16 3.60 -4.38 6.53
CA PRO A 16 4.57 -3.48 5.93
C PRO A 16 3.89 -2.48 5.00
N THR A 17 3.72 -1.28 5.47
CA THR A 17 3.02 -0.26 4.76
C THR A 17 3.96 0.52 3.82
N VAL A 18 5.24 0.28 3.98
CA VAL A 18 6.24 0.91 3.14
C VAL A 18 6.36 0.11 1.84
N CYS A 19 6.19 0.78 0.74
CA CYS A 19 6.24 0.15 -0.57
C CYS A 19 7.68 0.09 -1.07
N ALA A 20 7.91 -0.67 -2.12
CA ALA A 20 9.22 -0.78 -2.71
C ALA A 20 9.62 0.55 -3.37
N SER A 21 10.91 0.76 -3.51
CA SER A 21 11.46 1.97 -4.09
C SER A 21 10.85 2.29 -5.45
N GLY A 22 10.23 3.44 -5.53
CA GLY A 22 9.64 3.87 -6.76
C GLY A 22 8.15 3.70 -6.79
N THR A 23 7.61 2.95 -5.86
CA THR A 23 6.18 2.74 -5.81
C THR A 23 5.59 3.47 -4.62
N THR A 24 4.48 4.10 -4.83
CA THR A 24 3.88 4.92 -3.80
C THR A 24 2.63 4.29 -3.24
N CYS A 25 2.49 4.33 -1.93
CA CYS A 25 1.32 3.84 -1.28
C CYS A 25 0.19 4.86 -1.47
N GLN A 26 -0.65 4.60 -2.43
CA GLN A 26 -1.74 5.48 -2.73
C GLN A 26 -3.02 4.91 -2.19
N VAL A 27 -3.70 5.69 -1.41
CA VAL A 27 -4.95 5.29 -0.84
C VAL A 27 -6.02 5.44 -1.91
N LEU A 28 -6.45 4.34 -2.47
CA LEU A 28 -7.42 4.36 -3.55
C LEU A 28 -8.81 4.36 -2.99
N ASN A 29 -9.01 3.53 -2.01
CA ASN A 29 -10.29 3.36 -1.37
C ASN A 29 -10.04 3.53 0.12
N PRO A 30 -11.09 3.68 0.96
CA PRO A 30 -10.91 3.84 2.42
C PRO A 30 -10.06 2.74 3.05
N TYR A 31 -10.20 1.52 2.60
CA TYR A 31 -9.42 0.45 3.16
C TYR A 31 -8.37 -0.04 2.19
N TYR A 32 -8.60 0.15 0.91
CA TYR A 32 -7.66 -0.30 -0.08
C TYR A 32 -6.66 0.79 -0.45
N SER A 33 -5.44 0.56 -0.14
CA SER A 33 -4.37 1.43 -0.53
C SER A 33 -3.38 0.57 -1.30
N GLN A 34 -2.89 1.05 -2.40
CA GLN A 34 -2.08 0.24 -3.29
C GLN A 34 -0.76 0.93 -3.63
N CYS A 35 0.31 0.15 -3.73
CA CYS A 35 1.59 0.68 -4.12
C CYS A 35 1.65 0.83 -5.62
N LEU A 36 1.62 2.04 -6.07
CA LEU A 36 1.67 2.38 -7.46
C LEU A 36 2.99 3.06 -7.75
C1 MAN B . -2.71 -3.12 12.25
C2 MAN B . -3.91 -2.56 13.01
C3 MAN B . -4.86 -1.84 12.04
C4 MAN B . -4.10 -0.74 11.31
C5 MAN B . -2.86 -1.33 10.61
C6 MAN B . -1.96 -0.25 10.00
O2 MAN B . -3.46 -1.62 13.99
O3 MAN B . -5.91 -1.26 12.77
O4 MAN B . -4.96 -0.14 10.33
O5 MAN B . -2.04 -2.05 11.56
O6 MAN B . -2.65 0.51 9.02
H1 MAN B . -2.01 -3.51 13.01
H2 MAN B . -4.46 -3.38 13.49
H3 MAN B . -5.24 -2.56 11.30
H4 MAN B . -3.77 0.03 12.01
H5 MAN B . -3.17 -2.03 9.82
H61 MAN B . -1.14 -0.79 9.51
H62 MAN B . -1.53 0.37 10.80
HO2 MAN B . -2.92 -0.96 13.52
HO3 MAN B . -5.52 -0.70 13.45
HO4 MAN B . -4.41 0.49 9.86
HO6 MAN B . -2.71 -0.06 8.24
N THR A 1 9.86 -4.72 1.72
CA THR A 1 8.87 -3.68 1.53
C THR A 1 7.68 -4.26 0.77
N GLN A 2 6.58 -3.53 0.73
CA GLN A 2 5.35 -4.04 0.16
C GLN A 2 5.38 -3.90 -1.39
N SER A 3 4.96 -4.98 -2.03
CA SER A 3 5.00 -5.18 -3.48
C SER A 3 4.15 -4.15 -4.30
N HIS A 4 4.54 -3.98 -5.55
CA HIS A 4 3.87 -3.12 -6.49
C HIS A 4 2.51 -3.73 -6.79
N TYR A 5 1.47 -2.90 -6.74
CA TYR A 5 0.06 -3.33 -6.93
C TYR A 5 -0.49 -4.09 -5.74
N GLY A 6 0.26 -4.13 -4.67
CA GLY A 6 -0.22 -4.76 -3.49
C GLY A 6 -0.85 -3.73 -2.56
N GLN A 7 -1.66 -4.20 -1.64
CA GLN A 7 -2.29 -3.35 -0.64
C GLN A 7 -1.25 -2.91 0.38
N CYS A 8 -0.96 -1.63 0.39
CA CYS A 8 0.09 -1.07 1.21
C CYS A 8 -0.34 -0.68 2.60
N GLY A 9 -1.50 -0.13 2.76
CA GLY A 9 -1.84 0.33 4.09
C GLY A 9 -3.13 1.04 4.16
N GLY A 10 -4.19 0.29 4.11
CA GLY A 10 -5.48 0.84 4.27
C GLY A 10 -6.04 0.38 5.57
N ILE A 11 -7.16 0.93 5.97
CA ILE A 11 -7.83 0.53 7.19
C ILE A 11 -8.16 -0.96 7.13
N GLY A 12 -7.67 -1.69 8.10
CA GLY A 12 -7.89 -3.11 8.09
C GLY A 12 -6.61 -3.85 7.84
N TYR A 13 -5.69 -3.21 7.15
CA TYR A 13 -4.41 -3.78 6.83
C TYR A 13 -3.36 -3.20 7.77
N SER A 14 -2.36 -3.98 8.09
CA SER A 14 -1.26 -3.54 8.89
C SER A 14 -0.04 -4.41 8.67
N GLY A 15 1.12 -3.88 8.93
CA GLY A 15 2.35 -4.62 8.70
C GLY A 15 3.25 -3.84 7.77
N PRO A 16 3.66 -4.41 6.62
CA PRO A 16 4.47 -3.71 5.66
C PRO A 16 3.63 -2.70 4.91
N THR A 17 3.74 -1.46 5.32
CA THR A 17 2.99 -0.39 4.73
C THR A 17 3.81 0.38 3.73
N VAL A 18 5.10 0.26 3.83
CA VAL A 18 6.01 0.94 2.96
C VAL A 18 6.24 0.13 1.71
N CYS A 19 6.00 0.73 0.59
CA CYS A 19 6.12 0.10 -0.70
C CYS A 19 7.59 0.05 -1.12
N ALA A 20 7.87 -0.72 -2.15
CA ALA A 20 9.20 -0.80 -2.71
C ALA A 20 9.57 0.54 -3.34
N SER A 21 10.84 0.88 -3.32
CA SER A 21 11.31 2.13 -3.89
C SER A 21 10.87 2.28 -5.34
N GLY A 22 10.18 3.34 -5.61
CA GLY A 22 9.68 3.58 -6.94
C GLY A 22 8.19 3.46 -6.99
N THR A 23 7.62 2.86 -5.97
CA THR A 23 6.20 2.70 -5.89
C THR A 23 5.68 3.48 -4.70
N THR A 24 4.54 4.08 -4.87
CA THR A 24 3.97 4.91 -3.85
C THR A 24 2.67 4.33 -3.32
N CYS A 25 2.44 4.45 -2.03
CA CYS A 25 1.22 3.94 -1.43
C CYS A 25 0.12 4.94 -1.65
N GLN A 26 -0.74 4.65 -2.59
CA GLN A 26 -1.80 5.54 -2.91
C GLN A 26 -3.11 5.00 -2.38
N VAL A 27 -3.71 5.78 -1.51
CA VAL A 27 -4.97 5.47 -0.88
C VAL A 27 -6.09 5.69 -1.87
N LEU A 28 -6.65 4.61 -2.36
CA LEU A 28 -7.70 4.69 -3.33
C LEU A 28 -9.05 4.71 -2.61
N ASN A 29 -9.16 3.85 -1.64
CA ASN A 29 -10.33 3.76 -0.77
C ASN A 29 -9.78 3.81 0.63
N PRO A 30 -10.61 4.04 1.67
CA PRO A 30 -10.12 4.07 3.05
C PRO A 30 -9.40 2.77 3.44
N TYR A 31 -9.88 1.65 2.89
CA TYR A 31 -9.27 0.38 3.23
C TYR A 31 -8.35 -0.09 2.11
N TYR A 32 -8.63 0.34 0.90
CA TYR A 32 -7.81 -0.05 -0.22
C TYR A 32 -6.75 0.98 -0.52
N SER A 33 -5.53 0.61 -0.36
CA SER A 33 -4.43 1.45 -0.70
C SER A 33 -3.47 0.58 -1.46
N GLN A 34 -3.03 1.02 -2.58
CA GLN A 34 -2.20 0.19 -3.43
C GLN A 34 -0.91 0.91 -3.79
N CYS A 35 0.19 0.16 -3.81
CA CYS A 35 1.45 0.71 -4.20
C CYS A 35 1.49 0.85 -5.70
N LEU A 36 1.50 2.06 -6.14
CA LEU A 36 1.56 2.38 -7.54
C LEU A 36 2.92 2.95 -7.81
C1 MAN B . -2.98 -4.34 12.07
C2 MAN B . -3.58 -5.65 12.65
C3 MAN B . -4.76 -6.10 11.81
C4 MAN B . -5.77 -4.96 11.74
C5 MAN B . -5.12 -3.72 11.14
C6 MAN B . -6.06 -2.53 11.02
O2 MAN B . -4.05 -5.45 13.97
O3 MAN B . -5.38 -7.20 12.47
O4 MAN B . -6.90 -5.36 10.96
O5 MAN B . -3.99 -3.33 11.97
O6 MAN B . -5.42 -1.43 10.34
H1 MAN B . -2.20 -3.99 12.78
H2 MAN B . -2.82 -6.44 12.63
H3 MAN B . -4.42 -6.36 10.80
H4 MAN B . -6.11 -4.73 12.77
H5 MAN B . -4.75 -4.00 10.14
H61 MAN B . -6.35 -2.24 12.04
H62 MAN B . -6.96 -2.85 10.49
HO2 MAN B . -3.28 -5.23 14.51
HO3 MAN B . -5.61 -6.84 13.34
HO4 MAN B . -6.58 -5.55 10.07
HO6 MAN B . -4.63 -1.73 9.89
N THR A 1 10.25 -4.27 1.71
CA THR A 1 9.28 -3.29 1.30
C THR A 1 8.08 -3.98 0.69
N GLN A 2 6.98 -3.29 0.57
CA GLN A 2 5.77 -3.85 0.01
C GLN A 2 5.88 -3.79 -1.54
N SER A 3 5.32 -4.79 -2.20
CA SER A 3 5.43 -4.97 -3.64
C SER A 3 4.40 -4.10 -4.42
N HIS A 4 4.63 -3.98 -5.72
CA HIS A 4 3.80 -3.18 -6.61
C HIS A 4 2.48 -3.93 -6.83
N TYR A 5 1.36 -3.21 -6.77
CA TYR A 5 0.00 -3.79 -6.92
C TYR A 5 -0.44 -4.60 -5.72
N GLY A 6 0.19 -4.33 -4.61
CA GLY A 6 -0.21 -4.93 -3.38
C GLY A 6 -0.71 -3.88 -2.43
N GLN A 7 -1.62 -4.26 -1.56
CA GLN A 7 -2.16 -3.34 -0.58
C GLN A 7 -1.09 -2.97 0.46
N CYS A 8 -0.81 -1.69 0.56
CA CYS A 8 0.22 -1.19 1.47
C CYS A 8 -0.32 -0.95 2.85
N GLY A 9 -1.49 -0.37 2.96
CA GLY A 9 -2.04 -0.14 4.26
C GLY A 9 -3.24 0.73 4.25
N GLY A 10 -4.37 0.12 4.29
CA GLY A 10 -5.59 0.86 4.41
C GLY A 10 -6.15 0.61 5.78
N ILE A 11 -7.29 1.20 6.09
CA ILE A 11 -7.91 1.00 7.40
C ILE A 11 -8.18 -0.49 7.66
N GLY A 12 -7.53 -1.02 8.68
CA GLY A 12 -7.73 -2.40 9.05
C GLY A 12 -6.59 -3.29 8.61
N TYR A 13 -5.79 -2.81 7.67
CA TYR A 13 -4.71 -3.61 7.12
C TYR A 13 -3.48 -3.58 8.03
N SER A 14 -2.89 -4.74 8.23
CA SER A 14 -1.68 -4.89 9.01
C SER A 14 -0.64 -5.58 8.14
N GLY A 15 0.42 -4.88 7.82
CA GLY A 15 1.46 -5.44 6.99
C GLY A 15 2.50 -4.40 6.69
N PRO A 16 3.33 -4.60 5.65
CA PRO A 16 4.36 -3.64 5.28
C PRO A 16 3.75 -2.41 4.64
N THR A 17 3.88 -1.29 5.28
CA THR A 17 3.26 -0.09 4.81
C THR A 17 4.17 0.69 3.85
N VAL A 18 5.46 0.49 3.97
CA VAL A 18 6.40 1.14 3.08
C VAL A 18 6.59 0.31 1.82
N CYS A 19 6.28 0.90 0.70
CA CYS A 19 6.36 0.24 -0.57
C CYS A 19 7.77 0.31 -1.11
N ALA A 20 8.07 -0.52 -2.10
CA ALA A 20 9.36 -0.53 -2.75
C ALA A 20 9.61 0.82 -3.39
N SER A 21 10.85 1.29 -3.32
CA SER A 21 11.22 2.56 -3.90
C SER A 21 10.83 2.59 -5.38
N GLY A 22 10.00 3.55 -5.74
CA GLY A 22 9.50 3.63 -7.07
C GLY A 22 8.03 3.32 -7.14
N THR A 23 7.48 2.83 -6.06
CA THR A 23 6.06 2.59 -5.98
C THR A 23 5.53 3.40 -4.81
N THR A 24 4.38 3.97 -4.97
CA THR A 24 3.85 4.83 -3.95
C THR A 24 2.60 4.25 -3.32
N CYS A 25 2.52 4.30 -2.01
CA CYS A 25 1.33 3.83 -1.32
C CYS A 25 0.22 4.85 -1.51
N GLN A 26 -0.64 4.57 -2.45
CA GLN A 26 -1.71 5.47 -2.80
C GLN A 26 -3.00 4.98 -2.23
N VAL A 27 -3.82 5.91 -1.83
CA VAL A 27 -5.11 5.60 -1.28
C VAL A 27 -6.12 5.49 -2.42
N LEU A 28 -6.61 4.30 -2.65
CA LEU A 28 -7.62 4.09 -3.66
C LEU A 28 -8.99 4.28 -3.05
N ASN A 29 -9.16 3.72 -1.86
CA ASN A 29 -10.38 3.81 -1.05
C ASN A 29 -9.87 4.02 0.37
N PRO A 30 -10.72 4.35 1.37
CA PRO A 30 -10.23 4.51 2.75
C PRO A 30 -9.59 3.22 3.28
N TYR A 31 -10.04 2.09 2.78
CA TYR A 31 -9.51 0.81 3.21
C TYR A 31 -8.56 0.27 2.16
N TYR A 32 -8.75 0.68 0.92
CA TYR A 32 -7.91 0.20 -0.16
C TYR A 32 -6.75 1.17 -0.37
N SER A 33 -5.58 0.73 -0.12
CA SER A 33 -4.42 1.53 -0.38
C SER A 33 -3.40 0.61 -0.98
N GLN A 34 -2.84 0.96 -2.08
CA GLN A 34 -1.99 0.06 -2.82
C GLN A 34 -0.74 0.77 -3.32
N CYS A 35 0.36 0.02 -3.39
CA CYS A 35 1.59 0.54 -3.90
C CYS A 35 1.54 0.61 -5.40
N LEU A 36 1.45 1.79 -5.90
CA LEU A 36 1.41 2.06 -7.29
C LEU A 36 2.66 2.82 -7.64
C1 MAN B . -3.37 -5.94 12.16
C2 MAN B . -3.83 -7.38 11.82
C3 MAN B . -5.15 -7.36 11.08
C4 MAN B . -6.18 -6.60 11.92
C5 MAN B . -5.67 -5.21 12.24
C6 MAN B . -6.60 -4.42 13.13
O2 MAN B . -4.00 -8.13 13.00
O3 MAN B . -5.59 -8.70 10.90
O4 MAN B . -7.40 -6.51 11.21
O5 MAN B . -4.39 -5.29 12.93
O6 MAN B . -6.00 -3.18 13.50
H1 MAN B . -2.47 -5.99 12.79
H2 MAN B . -3.08 -7.90 11.19
H3 MAN B . -5.01 -6.85 10.11
H4 MAN B . -6.33 -7.15 12.86
H5 MAN B . -5.51 -4.66 11.29
H61 MAN B . -6.83 -5.04 14.01
H62 MAN B . -7.55 -4.25 12.59
HO2 MAN B . -4.37 -8.97 12.70
HO3 MAN B . -6.40 -8.70 10.38
HO4 MAN B . -7.74 -7.41 11.06
HO6 MAN B . -5.18 -3.10 12.99
N THR A 1 9.53 -4.31 2.01
CA THR A 1 8.56 -3.34 1.58
C THR A 1 7.44 -4.04 0.84
N GLN A 2 6.30 -3.39 0.68
CA GLN A 2 5.16 -4.02 0.05
C GLN A 2 5.22 -3.81 -1.49
N SER A 3 4.76 -4.82 -2.22
CA SER A 3 4.87 -4.93 -3.67
C SER A 3 3.95 -3.96 -4.49
N HIS A 4 4.31 -3.76 -5.75
CA HIS A 4 3.57 -2.91 -6.67
C HIS A 4 2.23 -3.58 -6.99
N TYR A 5 1.15 -2.80 -6.90
CA TYR A 5 -0.24 -3.28 -7.10
C TYR A 5 -0.72 -4.15 -5.95
N GLY A 6 -0.04 -4.05 -4.83
CA GLY A 6 -0.47 -4.73 -3.65
C GLY A 6 -0.95 -3.72 -2.63
N GLN A 7 -1.66 -4.19 -1.63
CA GLN A 7 -2.19 -3.33 -0.60
C GLN A 7 -1.12 -3.04 0.45
N CYS A 8 -0.68 -1.79 0.48
CA CYS A 8 0.36 -1.35 1.40
C CYS A 8 -0.17 -1.22 2.83
N GLY A 9 -1.35 -0.68 2.97
CA GLY A 9 -1.91 -0.59 4.28
C GLY A 9 -2.91 0.51 4.43
N GLY A 10 -4.15 0.13 4.32
CA GLY A 10 -5.22 1.03 4.56
C GLY A 10 -5.91 0.61 5.83
N ILE A 11 -7.16 0.89 5.96
CA ILE A 11 -7.89 0.41 7.11
C ILE A 11 -8.07 -1.11 6.96
N GLY A 12 -7.66 -1.85 7.95
CA GLY A 12 -7.77 -3.28 7.90
C GLY A 12 -6.45 -3.96 7.65
N TYR A 13 -5.50 -3.22 7.10
CA TYR A 13 -4.20 -3.80 6.77
C TYR A 13 -3.11 -2.94 7.38
N SER A 14 -2.32 -3.55 8.20
CA SER A 14 -1.18 -2.91 8.79
C SER A 14 -0.04 -3.91 8.86
N GLY A 15 0.98 -3.67 8.08
CA GLY A 15 2.13 -4.51 8.02
C GLY A 15 3.25 -3.78 7.35
N PRO A 16 3.75 -4.23 6.20
CA PRO A 16 4.72 -3.47 5.46
C PRO A 16 4.00 -2.35 4.72
N THR A 17 3.90 -1.23 5.36
CA THR A 17 3.16 -0.12 4.84
C THR A 17 3.99 0.70 3.86
N VAL A 18 5.29 0.57 3.93
CA VAL A 18 6.16 1.21 2.99
C VAL A 18 6.28 0.32 1.76
N CYS A 19 6.06 0.88 0.62
CA CYS A 19 6.11 0.18 -0.62
C CYS A 19 7.55 0.08 -1.09
N ALA A 20 7.79 -0.81 -2.03
CA ALA A 20 9.10 -0.99 -2.60
C ALA A 20 9.50 0.26 -3.38
N SER A 21 10.80 0.47 -3.45
CA SER A 21 11.38 1.62 -4.06
C SER A 21 10.87 1.82 -5.49
N GLY A 22 10.30 2.98 -5.73
CA GLY A 22 9.74 3.27 -7.01
C GLY A 22 8.23 3.34 -6.95
N THR A 23 7.65 2.76 -5.93
CA THR A 23 6.21 2.77 -5.81
C THR A 23 5.76 3.48 -4.54
N THR A 24 4.61 4.10 -4.60
CA THR A 24 4.06 4.86 -3.50
C THR A 24 2.78 4.24 -3.00
N CYS A 25 2.54 4.35 -1.73
CA CYS A 25 1.33 3.83 -1.13
C CYS A 25 0.22 4.83 -1.35
N GLN A 26 -0.61 4.59 -2.33
CA GLN A 26 -1.67 5.49 -2.65
C GLN A 26 -2.99 4.96 -2.13
N VAL A 27 -3.68 5.78 -1.39
CA VAL A 27 -4.96 5.41 -0.85
C VAL A 27 -6.00 5.56 -1.93
N LEU A 28 -6.46 4.45 -2.43
CA LEU A 28 -7.43 4.45 -3.50
C LEU A 28 -8.81 4.49 -2.90
N ASN A 29 -9.04 3.59 -2.00
CA ASN A 29 -10.31 3.44 -1.33
C ASN A 29 -10.01 3.59 0.14
N PRO A 30 -11.02 3.84 1.00
CA PRO A 30 -10.80 4.04 2.45
C PRO A 30 -9.99 2.92 3.09
N TYR A 31 -10.26 1.67 2.74
CA TYR A 31 -9.53 0.58 3.31
C TYR A 31 -8.42 0.12 2.36
N TYR A 32 -8.62 0.34 1.07
CA TYR A 32 -7.64 -0.11 0.11
C TYR A 32 -6.61 0.96 -0.25
N SER A 33 -5.40 0.71 0.10
CA SER A 33 -4.31 1.54 -0.31
C SER A 33 -3.37 0.64 -1.09
N GLN A 34 -2.90 1.08 -2.22
CA GLN A 34 -2.12 0.24 -3.10
C GLN A 34 -0.84 0.93 -3.52
N CYS A 35 0.22 0.16 -3.66
CA CYS A 35 1.48 0.69 -4.09
C CYS A 35 1.50 0.89 -5.59
N LEU A 36 1.51 2.12 -5.97
CA LEU A 36 1.56 2.53 -7.33
C LEU A 36 2.82 3.33 -7.50
C1 MAN B . -2.96 -0.80 11.26
C2 MAN B . -3.96 -1.78 11.93
C3 MAN B . -5.24 -1.86 11.10
C4 MAN B . -5.80 -0.46 10.98
C5 MAN B . -4.79 0.47 10.30
C6 MAN B . -5.27 1.90 10.26
O2 MAN B . -4.29 -1.31 13.22
O3 MAN B . -6.20 -2.66 11.77
O4 MAN B . -7.03 -0.51 10.27
O5 MAN B . -3.57 0.48 11.09
O6 MAN B . -5.37 2.41 11.58
H1 MAN B . -2.11 -0.60 11.93
H2 MAN B . -3.51 -2.79 12.00
H3 MAN B . -5.01 -2.25 10.10
H4 MAN B . -5.98 -0.13 12.01
H5 MAN B . -4.59 0.10 9.28
H61 MAN B . -6.24 1.92 9.75
H62 MAN B . -4.57 2.51 9.67
HO2 MAN B . -4.92 -1.95 13.57
HO3 MAN B . -7.01 -2.61 11.25
HO4 MAN B . -7.43 0.36 10.40
HO6 MAN B . -4.60 2.05 12.06
N THR A 1 8.96 -5.12 2.62
CA THR A 1 8.59 -4.03 1.75
C THR A 1 7.47 -4.50 0.81
N GLN A 2 6.48 -3.65 0.58
CA GLN A 2 5.33 -4.02 -0.23
C GLN A 2 5.58 -3.61 -1.69
N SER A 3 5.24 -4.48 -2.60
CA SER A 3 5.52 -4.29 -4.01
C SER A 3 4.35 -3.65 -4.79
N HIS A 4 4.58 -3.38 -6.06
CA HIS A 4 3.61 -2.76 -6.95
C HIS A 4 2.35 -3.63 -7.04
N TYR A 5 1.17 -3.02 -6.83
CA TYR A 5 -0.12 -3.71 -6.87
C TYR A 5 -0.36 -4.64 -5.69
N GLY A 6 -0.36 -4.07 -4.52
CA GLY A 6 -0.65 -4.78 -3.31
C GLY A 6 -1.10 -3.80 -2.28
N GLN A 7 -1.87 -4.25 -1.29
CA GLN A 7 -2.35 -3.36 -0.25
C GLN A 7 -1.20 -3.02 0.70
N CYS A 8 -0.85 -1.76 0.72
CA CYS A 8 0.26 -1.27 1.52
C CYS A 8 -0.16 -0.84 2.90
N GLY A 9 -1.32 -0.25 3.01
CA GLY A 9 -1.73 0.23 4.30
C GLY A 9 -3.01 0.99 4.25
N GLY A 10 -4.08 0.29 4.38
CA GLY A 10 -5.37 0.89 4.44
C GLY A 10 -5.91 0.73 5.83
N ILE A 11 -7.08 1.25 6.08
CA ILE A 11 -7.69 1.11 7.40
C ILE A 11 -7.97 -0.36 7.67
N GLY A 12 -7.33 -0.89 8.67
CA GLY A 12 -7.56 -2.26 9.04
C GLY A 12 -6.46 -3.18 8.57
N TYR A 13 -5.58 -2.67 7.74
CA TYR A 13 -4.47 -3.46 7.23
C TYR A 13 -3.33 -3.42 8.22
N SER A 14 -2.64 -4.52 8.35
CA SER A 14 -1.58 -4.64 9.28
C SER A 14 -0.43 -5.40 8.61
N GLY A 15 0.57 -4.67 8.13
CA GLY A 15 1.67 -5.30 7.46
C GLY A 15 2.74 -4.31 7.02
N PRO A 16 3.35 -4.52 5.84
CA PRO A 16 4.39 -3.65 5.32
C PRO A 16 3.81 -2.42 4.65
N THR A 17 3.92 -1.30 5.28
CA THR A 17 3.34 -0.08 4.79
C THR A 17 4.29 0.67 3.87
N VAL A 18 5.53 0.21 3.83
CA VAL A 18 6.53 0.79 2.97
C VAL A 18 6.50 0.10 1.65
N CYS A 19 6.28 0.85 0.61
CA CYS A 19 6.29 0.30 -0.71
C CYS A 19 7.69 0.36 -1.26
N ALA A 20 7.98 -0.51 -2.20
CA ALA A 20 9.27 -0.57 -2.86
C ALA A 20 9.60 0.77 -3.50
N SER A 21 10.87 1.09 -3.55
CA SER A 21 11.32 2.33 -4.09
C SER A 21 10.85 2.49 -5.54
N GLY A 22 10.09 3.52 -5.77
CA GLY A 22 9.52 3.73 -7.08
C GLY A 22 8.02 3.54 -7.06
N THR A 23 7.52 2.92 -6.01
CA THR A 23 6.09 2.73 -5.86
C THR A 23 5.62 3.49 -4.63
N THR A 24 4.48 4.11 -4.72
CA THR A 24 3.95 4.90 -3.65
C THR A 24 2.68 4.30 -3.09
N CYS A 25 2.51 4.37 -1.79
CA CYS A 25 1.32 3.84 -1.16
C CYS A 25 0.20 4.84 -1.32
N GLN A 26 -0.62 4.62 -2.30
CA GLN A 26 -1.70 5.53 -2.57
C GLN A 26 -2.99 4.93 -2.09
N VAL A 27 -3.78 5.75 -1.43
CA VAL A 27 -5.03 5.31 -0.90
C VAL A 27 -6.05 5.33 -2.04
N LEU A 28 -6.29 4.17 -2.59
CA LEU A 28 -7.15 4.03 -3.76
C LEU A 28 -8.59 4.09 -3.29
N ASN A 29 -8.86 3.35 -2.24
CA ASN A 29 -10.16 3.26 -1.65
C ASN A 29 -9.97 3.54 -0.18
N PRO A 30 -11.03 3.83 0.59
CA PRO A 30 -10.91 4.15 2.03
C PRO A 30 -10.13 3.09 2.82
N TYR A 31 -10.28 1.83 2.46
CA TYR A 31 -9.56 0.79 3.15
C TYR A 31 -8.48 0.18 2.26
N TYR A 32 -8.63 0.26 0.95
CA TYR A 32 -7.63 -0.28 0.07
C TYR A 32 -6.60 0.77 -0.35
N SER A 33 -5.38 0.59 0.06
CA SER A 33 -4.31 1.44 -0.38
C SER A 33 -3.36 0.54 -1.16
N GLN A 34 -2.84 1.02 -2.25
CA GLN A 34 -2.03 0.18 -3.13
C GLN A 34 -0.74 0.88 -3.49
N CYS A 35 0.34 0.12 -3.60
CA CYS A 35 1.59 0.65 -4.04
C CYS A 35 1.58 0.81 -5.56
N LEU A 36 1.47 2.04 -5.97
CA LEU A 36 1.48 2.43 -7.36
C LEU A 36 2.80 3.09 -7.63
C1 MAN B . -4.04 -5.43 11.94
C2 MAN B . -5.51 -4.92 12.00
C3 MAN B . -5.52 -3.43 12.30
C4 MAN B . -4.78 -3.16 13.59
C5 MAN B . -3.35 -3.72 13.50
C6 MAN B . -2.61 -3.63 14.81
O2 MAN B . -6.22 -5.60 13.02
O3 MAN B . -6.87 -2.99 12.47
O4 MAN B . -4.76 -1.77 13.83
O5 MAN B . -3.40 -5.14 13.18
O6 MAN B . -1.42 -4.42 14.75
H1 MAN B . -4.09 -6.51 11.77
H2 MAN B . -5.99 -5.08 11.02
H3 MAN B . -5.02 -2.88 11.48
H4 MAN B . -5.30 -3.67 14.43
H5 MAN B . -2.78 -3.24 12.71
H61 MAN B . -3.27 -3.99 15.59
H62 MAN B . -2.39 -2.56 15.01
HO2 MAN B . -5.70 -5.51 13.84
HO3 MAN B . -7.23 -3.55 13.18
HO4 MAN B . -5.68 -1.50 13.94
HO6 MAN B . -1.46 -4.93 13.93
N THR A 1 10.19 -4.43 1.55
CA THR A 1 9.23 -3.44 1.11
C THR A 1 8.02 -4.12 0.51
N GLN A 2 6.88 -3.49 0.60
CA GLN A 2 5.63 -4.03 0.09
C GLN A 2 5.64 -3.90 -1.46
N SER A 3 5.07 -4.86 -2.13
CA SER A 3 5.14 -4.96 -3.56
C SER A 3 4.12 -4.09 -4.31
N HIS A 4 4.43 -3.86 -5.59
CA HIS A 4 3.64 -3.06 -6.50
C HIS A 4 2.31 -3.76 -6.75
N TYR A 5 1.23 -2.99 -6.68
CA TYR A 5 -0.15 -3.48 -6.85
C TYR A 5 -0.67 -4.21 -5.62
N GLY A 6 0.09 -4.16 -4.56
CA GLY A 6 -0.36 -4.75 -3.34
C GLY A 6 -0.86 -3.69 -2.40
N GLN A 7 -1.63 -4.09 -1.44
CA GLN A 7 -2.16 -3.18 -0.45
C GLN A 7 -1.06 -2.80 0.53
N CYS A 8 -0.78 -1.52 0.60
CA CYS A 8 0.27 -0.97 1.44
C CYS A 8 -0.18 -0.77 2.88
N GLY A 9 -1.27 -0.08 3.06
CA GLY A 9 -1.72 0.20 4.38
C GLY A 9 -2.98 1.00 4.38
N GLY A 10 -4.07 0.32 4.29
CA GLY A 10 -5.35 0.95 4.38
C GLY A 10 -5.98 0.54 5.67
N ILE A 11 -7.18 1.03 5.94
CA ILE A 11 -7.87 0.68 7.17
C ILE A 11 -8.16 -0.83 7.20
N GLY A 12 -7.51 -1.51 8.11
CA GLY A 12 -7.67 -2.93 8.20
C GLY A 12 -6.42 -3.69 7.81
N TYR A 13 -5.51 -3.03 7.12
CA TYR A 13 -4.28 -3.68 6.72
C TYR A 13 -3.20 -3.40 7.74
N SER A 14 -2.44 -4.41 8.05
CA SER A 14 -1.35 -4.31 8.99
C SER A 14 -0.16 -5.04 8.39
N GLY A 15 1.00 -4.47 8.48
CA GLY A 15 2.16 -5.12 7.94
C GLY A 15 3.12 -4.13 7.34
N PRO A 16 3.77 -4.48 6.21
CA PRO A 16 4.72 -3.60 5.55
C PRO A 16 4.02 -2.44 4.87
N THR A 17 4.06 -1.28 5.49
CA THR A 17 3.43 -0.11 4.97
C THR A 17 4.37 0.71 4.08
N VAL A 18 5.59 0.25 3.93
CA VAL A 18 6.57 0.90 3.08
C VAL A 18 6.67 0.11 1.79
N CYS A 19 6.26 0.71 0.72
CA CYS A 19 6.25 0.05 -0.57
C CYS A 19 7.67 0.04 -1.16
N ALA A 20 7.84 -0.74 -2.21
CA ALA A 20 9.12 -0.86 -2.91
C ALA A 20 9.53 0.48 -3.49
N SER A 21 10.81 0.65 -3.65
CA SER A 21 11.39 1.85 -4.20
C SER A 21 10.82 2.15 -5.58
N GLY A 22 10.08 3.22 -5.67
CA GLY A 22 9.47 3.62 -6.90
C GLY A 22 7.96 3.45 -6.86
N THR A 23 7.46 2.81 -5.84
CA THR A 23 6.04 2.61 -5.71
C THR A 23 5.51 3.38 -4.51
N THR A 24 4.37 3.99 -4.66
CA THR A 24 3.83 4.83 -3.62
C THR A 24 2.57 4.25 -3.03
N CYS A 25 2.37 4.45 -1.75
CA CYS A 25 1.18 4.00 -1.09
C CYS A 25 0.08 4.98 -1.39
N GLN A 26 -0.77 4.63 -2.32
CA GLN A 26 -1.82 5.50 -2.73
C GLN A 26 -3.13 5.02 -2.18
N VAL A 27 -3.87 5.92 -1.61
CA VAL A 27 -5.16 5.60 -1.07
C VAL A 27 -6.19 5.69 -2.18
N LEU A 28 -6.56 4.55 -2.71
CA LEU A 28 -7.58 4.48 -3.72
C LEU A 28 -8.92 4.57 -3.06
N ASN A 29 -9.15 3.65 -2.20
CA ASN A 29 -10.40 3.52 -1.50
C ASN A 29 -10.13 3.80 -0.05
N PRO A 30 -11.16 4.03 0.79
CA PRO A 30 -10.96 4.30 2.22
C PRO A 30 -10.18 3.19 2.93
N TYR A 31 -10.43 1.94 2.56
CA TYR A 31 -9.72 0.84 3.18
C TYR A 31 -8.66 0.31 2.25
N TYR A 32 -8.86 0.47 0.95
CA TYR A 32 -7.89 -0.03 0.01
C TYR A 32 -6.85 1.01 -0.39
N SER A 33 -5.63 0.76 -0.03
CA SER A 33 -4.52 1.59 -0.42
C SER A 33 -3.52 0.67 -1.11
N GLN A 34 -3.05 1.06 -2.27
CA GLN A 34 -2.21 0.18 -3.08
C GLN A 34 -0.90 0.86 -3.44
N CYS A 35 0.17 0.08 -3.51
CA CYS A 35 1.46 0.57 -3.91
C CYS A 35 1.52 0.71 -5.41
N LEU A 36 1.44 1.91 -5.88
CA LEU A 36 1.54 2.23 -7.27
C LEU A 36 2.84 2.96 -7.50
C1 MAN B . -3.63 -5.25 11.72
C2 MAN B . -5.16 -5.31 11.61
C3 MAN B . -5.70 -3.88 11.50
C4 MAN B . -5.28 -3.12 12.75
C5 MAN B . -3.74 -3.09 12.82
C6 MAN B . -3.22 -2.38 14.02
O2 MAN B . -5.73 -5.92 12.75
O3 MAN B . -7.11 -3.90 11.40
O4 MAN B . -5.83 -1.80 12.72
O5 MAN B . -3.24 -4.47 12.86
O6 MAN B . -1.80 -2.51 14.14
H1 MAN B . -3.30 -6.30 11.81
H2 MAN B . -5.42 -5.85 10.70
H3 MAN B . -5.24 -3.42 10.62
H4 MAN B . -5.66 -3.66 13.62
H5 MAN B . -3.34 -2.64 11.90
H61 MAN B . -3.75 -2.75 14.92
H62 MAN B . -3.46 -1.31 13.89
HO2 MAN B . -5.38 -6.83 12.77
HO3 MAN B . -7.38 -2.98 11.30
HO4 MAN B . -6.79 -1.88 12.71
HO6 MAN B . -1.57 -3.43 13.95
N THR A 1 9.29 -5.30 2.62
CA THR A 1 8.80 -4.19 1.84
C THR A 1 7.63 -4.68 0.97
N GLN A 2 6.61 -3.85 0.79
CA GLN A 2 5.42 -4.27 0.07
C GLN A 2 5.58 -3.96 -1.44
N SER A 3 5.24 -4.92 -2.26
CA SER A 3 5.44 -4.87 -3.70
C SER A 3 4.40 -4.01 -4.48
N HIS A 4 4.68 -3.81 -5.76
CA HIS A 4 3.85 -3.01 -6.64
C HIS A 4 2.49 -3.68 -6.82
N TYR A 5 1.43 -2.88 -6.68
CA TYR A 5 0.02 -3.32 -6.83
C TYR A 5 -0.52 -4.08 -5.62
N GLY A 6 0.25 -4.12 -4.57
CA GLY A 6 -0.25 -4.72 -3.35
C GLY A 6 -0.79 -3.66 -2.43
N GLN A 7 -1.44 -4.07 -1.35
CA GLN A 7 -1.99 -3.13 -0.40
C GLN A 7 -0.91 -2.73 0.60
N CYS A 8 -0.63 -1.46 0.65
CA CYS A 8 0.41 -0.93 1.51
C CYS A 8 -0.07 -0.74 2.94
N GLY A 9 -1.17 -0.10 3.11
CA GLY A 9 -1.65 0.14 4.43
C GLY A 9 -2.89 0.95 4.44
N GLY A 10 -3.99 0.28 4.32
CA GLY A 10 -5.26 0.93 4.42
C GLY A 10 -5.90 0.50 5.70
N ILE A 11 -7.12 0.93 5.94
CA ILE A 11 -7.83 0.53 7.13
C ILE A 11 -8.10 -0.98 7.10
N GLY A 12 -7.69 -1.65 8.15
CA GLY A 12 -7.87 -3.09 8.25
C GLY A 12 -6.60 -3.85 7.90
N TYR A 13 -5.62 -3.15 7.37
CA TYR A 13 -4.37 -3.76 6.96
C TYR A 13 -3.28 -3.36 7.94
N SER A 14 -2.40 -4.27 8.23
CA SER A 14 -1.25 -4.00 9.04
C SER A 14 -0.12 -4.85 8.49
N GLY A 15 1.07 -4.32 8.44
CA GLY A 15 2.18 -5.07 7.91
C GLY A 15 3.19 -4.15 7.29
N PRO A 16 3.69 -4.47 6.10
CA PRO A 16 4.67 -3.63 5.43
C PRO A 16 3.99 -2.48 4.73
N THR A 17 3.96 -1.34 5.36
CA THR A 17 3.33 -0.18 4.82
C THR A 17 4.25 0.55 3.83
N VAL A 18 5.53 0.27 3.92
CA VAL A 18 6.50 0.84 3.02
C VAL A 18 6.52 0.05 1.72
N CYS A 19 6.26 0.75 0.65
CA CYS A 19 6.24 0.15 -0.66
C CYS A 19 7.64 0.11 -1.23
N ALA A 20 7.84 -0.69 -2.26
CA ALA A 20 9.12 -0.77 -2.92
C ALA A 20 9.50 0.57 -3.52
N SER A 21 10.77 0.84 -3.61
CA SER A 21 11.26 2.07 -4.17
C SER A 21 10.74 2.25 -5.59
N GLY A 22 10.07 3.35 -5.81
CA GLY A 22 9.51 3.62 -7.10
C GLY A 22 7.99 3.53 -7.07
N THR A 23 7.48 2.86 -6.07
CA THR A 23 6.04 2.73 -5.94
C THR A 23 5.57 3.53 -4.74
N THR A 24 4.43 4.13 -4.84
CA THR A 24 3.91 4.98 -3.80
C THR A 24 2.63 4.41 -3.23
N CYS A 25 2.45 4.51 -1.93
CA CYS A 25 1.25 4.05 -1.28
C CYS A 25 0.12 5.02 -1.57
N GLN A 26 -0.76 4.62 -2.46
CA GLN A 26 -1.84 5.47 -2.84
C GLN A 26 -3.15 4.92 -2.33
N VAL A 27 -3.87 5.77 -1.66
CA VAL A 27 -5.14 5.40 -1.10
C VAL A 27 -6.18 5.48 -2.19
N LEU A 28 -6.68 4.34 -2.62
CA LEU A 28 -7.64 4.29 -3.69
C LEU A 28 -9.03 4.38 -3.12
N ASN A 29 -9.26 3.57 -2.12
CA ASN A 29 -10.53 3.53 -1.41
C ASN A 29 -10.20 3.81 0.03
N PRO A 30 -11.18 4.14 0.89
CA PRO A 30 -10.91 4.43 2.31
C PRO A 30 -10.14 3.30 3.01
N TYR A 31 -10.42 2.07 2.65
CA TYR A 31 -9.74 0.95 3.27
C TYR A 31 -8.65 0.40 2.34
N TYR A 32 -8.83 0.58 1.04
CA TYR A 32 -7.88 0.05 0.08
C TYR A 32 -6.80 1.05 -0.31
N SER A 33 -5.58 0.76 0.02
CA SER A 33 -4.46 1.57 -0.34
C SER A 33 -3.46 0.67 -1.06
N GLN A 34 -3.03 1.07 -2.22
CA GLN A 34 -2.20 0.23 -3.05
C GLN A 34 -0.91 0.96 -3.47
N CYS A 35 0.18 0.21 -3.54
CA CYS A 35 1.44 0.75 -3.97
C CYS A 35 1.47 0.87 -5.49
N LEU A 36 1.39 2.07 -5.95
CA LEU A 36 1.44 2.40 -7.34
C LEU A 36 2.76 3.06 -7.63
C1 MAN B . -2.38 -6.04 11.91
C2 MAN B . -2.22 -7.56 12.23
C3 MAN B . -3.42 -8.37 11.74
C4 MAN B . -4.10 -7.72 10.54
C5 MAN B . -4.57 -6.28 10.90
C6 MAN B . -6.02 -6.21 11.33
O2 MAN B . -2.16 -7.72 13.65
O3 MAN B . -4.31 -8.52 12.84
O4 MAN B . -3.22 -7.71 9.41
O5 MAN B . -3.75 -5.70 11.98
O6 MAN B . -6.89 -6.68 10.32
H1 MAN B . -1.82 -5.51 12.70
H2 MAN B . -1.31 -7.93 11.74
H3 MAN B . -3.03 -9.36 11.48
H4 MAN B . -4.99 -8.31 10.29
H5 MAN B . -4.43 -5.64 10.01
H61 MAN B . -6.24 -5.16 11.56
H62 MAN B . -6.15 -6.80 12.26
HO2 MAN B . -1.38 -7.25 13.95
HO3 MAN B . -3.71 -8.79 13.54
HO4 MAN B . -2.44 -7.19 9.65
HO6 MAN B . -6.72 -6.17 9.51
N THR A 1 8.98 -5.31 2.46
CA THR A 1 8.62 -4.27 1.56
C THR A 1 7.39 -4.73 0.75
N GLN A 2 6.37 -3.89 0.69
CA GLN A 2 5.14 -4.26 0.05
C GLN A 2 5.24 -3.97 -1.47
N SER A 3 4.78 -4.91 -2.25
CA SER A 3 4.91 -4.89 -3.70
C SER A 3 3.97 -3.89 -4.42
N HIS A 4 4.32 -3.60 -5.67
CA HIS A 4 3.59 -2.72 -6.53
C HIS A 4 2.21 -3.34 -6.79
N TYR A 5 1.17 -2.53 -6.71
CA TYR A 5 -0.23 -2.96 -6.90
C TYR A 5 -0.75 -3.80 -5.74
N GLY A 6 -0.07 -3.73 -4.62
CA GLY A 6 -0.53 -4.42 -3.45
C GLY A 6 -1.02 -3.44 -2.40
N GLN A 7 -1.74 -3.95 -1.40
CA GLN A 7 -2.26 -3.12 -0.33
C GLN A 7 -1.15 -2.76 0.66
N CYS A 8 -0.81 -1.50 0.69
CA CYS A 8 0.29 -1.00 1.50
C CYS A 8 -0.14 -0.58 2.90
N GLY A 9 -1.36 -0.10 3.04
CA GLY A 9 -1.77 0.34 4.34
C GLY A 9 -3.11 1.00 4.31
N GLY A 10 -4.12 0.20 4.21
CA GLY A 10 -5.46 0.73 4.23
C GLY A 10 -6.03 0.52 5.59
N ILE A 11 -7.26 0.94 5.80
CA ILE A 11 -7.92 0.80 7.10
C ILE A 11 -8.07 -0.69 7.44
N GLY A 12 -7.37 -1.12 8.46
CA GLY A 12 -7.44 -2.50 8.87
C GLY A 12 -6.19 -3.27 8.53
N TYR A 13 -5.40 -2.73 7.63
CA TYR A 13 -4.17 -3.38 7.22
C TYR A 13 -3.05 -3.01 8.18
N SER A 14 -2.28 -3.98 8.53
CA SER A 14 -1.17 -3.82 9.43
C SER A 14 -0.02 -4.67 8.92
N GLY A 15 1.16 -4.11 8.81
CA GLY A 15 2.27 -4.88 8.35
C GLY A 15 3.20 -4.09 7.45
N PRO A 16 3.52 -4.60 6.25
CA PRO A 16 4.42 -3.92 5.31
C PRO A 16 3.79 -2.66 4.72
N THR A 17 4.12 -1.54 5.27
CA THR A 17 3.59 -0.28 4.84
C THR A 17 4.53 0.43 3.85
N VAL A 18 5.78 0.00 3.84
CA VAL A 18 6.77 0.56 2.95
C VAL A 18 6.70 -0.14 1.61
N CYS A 19 6.46 0.62 0.57
CA CYS A 19 6.34 0.09 -0.77
C CYS A 19 7.72 -0.06 -1.40
N ALA A 20 7.79 -0.76 -2.52
CA ALA A 20 9.04 -1.01 -3.23
C ALA A 20 9.62 0.27 -3.82
N SER A 21 10.86 0.19 -4.27
CA SER A 21 11.59 1.29 -4.84
C SER A 21 10.84 1.93 -6.02
N GLY A 22 10.43 3.16 -5.83
CA GLY A 22 9.77 3.89 -6.88
C GLY A 22 8.26 3.84 -6.77
N THR A 23 7.73 3.15 -5.78
CA THR A 23 6.31 3.04 -5.66
C THR A 23 5.81 3.77 -4.42
N THR A 24 4.68 4.40 -4.55
CA THR A 24 4.13 5.17 -3.48
C THR A 24 2.82 4.57 -2.98
N CYS A 25 2.61 4.62 -1.70
CA CYS A 25 1.40 4.09 -1.12
C CYS A 25 0.30 5.12 -1.26
N GLN A 26 -0.67 4.83 -2.08
CA GLN A 26 -1.76 5.74 -2.31
C GLN A 26 -3.07 5.06 -1.98
N VAL A 27 -3.94 5.79 -1.35
CA VAL A 27 -5.24 5.26 -1.01
C VAL A 27 -6.07 5.16 -2.29
N LEU A 28 -6.51 3.97 -2.61
CA LEU A 28 -7.28 3.77 -3.83
C LEU A 28 -8.75 3.78 -3.46
N ASN A 29 -9.08 3.09 -2.41
CA ASN A 29 -10.44 3.01 -1.89
C ASN A 29 -10.33 3.21 -0.39
N PRO A 30 -11.44 3.45 0.36
CA PRO A 30 -11.40 3.68 1.82
C PRO A 30 -10.52 2.68 2.59
N TYR A 31 -10.63 1.40 2.26
CA TYR A 31 -9.84 0.41 2.94
C TYR A 31 -8.66 -0.03 2.09
N TYR A 32 -8.76 0.11 0.80
CA TYR A 32 -7.69 -0.34 -0.06
C TYR A 32 -6.70 0.77 -0.41
N SER A 33 -5.50 0.63 0.05
CA SER A 33 -4.43 1.53 -0.33
C SER A 33 -3.44 0.71 -1.14
N GLN A 34 -2.96 1.23 -2.22
CA GLN A 34 -2.14 0.46 -3.12
C GLN A 34 -0.84 1.20 -3.45
N CYS A 35 0.24 0.45 -3.57
CA CYS A 35 1.50 1.00 -3.97
C CYS A 35 1.49 1.22 -5.47
N LEU A 36 1.63 2.45 -5.86
CA LEU A 36 1.67 2.87 -7.23
C LEU A 36 3.01 3.51 -7.49
C1 MAN B . -2.68 -6.05 11.98
C2 MAN B . -2.95 -7.56 11.88
C3 MAN B . -4.13 -7.98 12.73
C4 MAN B . -5.41 -7.21 12.32
C5 MAN B . -5.06 -5.84 11.68
C6 MAN B . -6.15 -4.81 11.84
O2 MAN B . -1.82 -8.24 12.36
O3 MAN B . -3.82 -7.79 14.09
O4 MAN B . -6.15 -7.99 11.39
O5 MAN B . -3.90 -5.33 12.33
O6 MAN B . -6.35 -4.48 13.22
H1 MAN B . -1.96 -5.90 12.80
H2 MAN B . -3.15 -7.83 10.83
H3 MAN B . -4.29 -9.05 12.54
H4 MAN B . -6.01 -7.04 13.22
H5 MAN B . -4.86 -6.00 10.61
H61 MAN B . -7.06 -5.21 11.38
H62 MAN B . -5.87 -3.91 11.27
HO2 MAN B . -1.71 -7.96 13.27
HO3 MAN B . -3.71 -6.84 14.25
HO4 MAN B . -6.96 -7.49 11.19
HO6 MAN B . -5.51 -4.63 13.68
N THR A 1 10.06 -5.96 1.32
CA THR A 1 9.42 -4.73 0.92
C THR A 1 8.06 -5.07 0.29
N GLN A 2 7.09 -4.18 0.37
CA GLN A 2 5.77 -4.43 -0.17
C GLN A 2 5.80 -4.14 -1.69
N SER A 3 5.22 -5.02 -2.46
CA SER A 3 5.29 -4.99 -3.92
C SER A 3 4.33 -3.94 -4.55
N HIS A 4 4.62 -3.62 -5.80
CA HIS A 4 3.82 -2.71 -6.60
C HIS A 4 2.48 -3.40 -6.85
N TYR A 5 1.39 -2.64 -6.69
CA TYR A 5 0.00 -3.09 -6.83
C TYR A 5 -0.49 -3.89 -5.63
N GLY A 6 0.31 -3.96 -4.61
CA GLY A 6 -0.11 -4.63 -3.41
C GLY A 6 -0.71 -3.65 -2.46
N GLN A 7 -1.42 -4.14 -1.48
CA GLN A 7 -2.01 -3.27 -0.49
C GLN A 7 -0.96 -2.88 0.53
N CYS A 8 -0.66 -1.61 0.58
CA CYS A 8 0.36 -1.07 1.47
C CYS A 8 -0.16 -0.88 2.88
N GLY A 9 -1.35 -0.36 3.00
CA GLY A 9 -1.90 -0.14 4.29
C GLY A 9 -3.04 0.80 4.25
N GLY A 10 -4.22 0.26 4.23
CA GLY A 10 -5.41 1.06 4.27
C GLY A 10 -6.06 0.86 5.59
N ILE A 11 -7.27 1.36 5.76
CA ILE A 11 -7.99 1.16 6.99
C ILE A 11 -8.25 -0.33 7.19
N GLY A 12 -7.78 -0.88 8.28
CA GLY A 12 -8.00 -2.27 8.55
C GLY A 12 -6.79 -3.12 8.21
N TYR A 13 -5.83 -2.52 7.54
CA TYR A 13 -4.61 -3.22 7.19
C TYR A 13 -3.55 -2.87 8.20
N SER A 14 -2.82 -3.85 8.63
CA SER A 14 -1.75 -3.64 9.58
C SER A 14 -0.60 -4.54 9.18
N GLY A 15 0.44 -3.97 8.63
CA GLY A 15 1.56 -4.76 8.20
C GLY A 15 2.63 -3.91 7.59
N PRO A 16 3.39 -4.44 6.62
CA PRO A 16 4.49 -3.72 6.00
C PRO A 16 3.99 -2.67 5.02
N THR A 17 4.06 -1.44 5.45
CA THR A 17 3.60 -0.33 4.65
C THR A 17 4.66 0.17 3.68
N VAL A 18 5.90 -0.23 3.88
CA VAL A 18 7.02 0.22 3.06
C VAL A 18 6.92 -0.37 1.65
N CYS A 19 6.61 0.47 0.69
CA CYS A 19 6.47 0.04 -0.69
C CYS A 19 7.83 -0.03 -1.38
N ALA A 20 7.85 -0.70 -2.53
CA ALA A 20 9.04 -0.83 -3.34
C ALA A 20 9.50 0.54 -3.83
N SER A 21 10.77 0.66 -4.11
CA SER A 21 11.36 1.91 -4.54
C SER A 21 10.71 2.39 -5.84
N GLY A 22 10.11 3.55 -5.77
CA GLY A 22 9.46 4.10 -6.92
C GLY A 22 7.96 3.94 -6.86
N THR A 23 7.47 3.17 -5.90
CA THR A 23 6.06 2.97 -5.78
C THR A 23 5.56 3.66 -4.53
N THR A 24 4.45 4.32 -4.63
CA THR A 24 3.93 5.09 -3.52
C THR A 24 2.59 4.55 -3.05
N CYS A 25 2.45 4.42 -1.75
CA CYS A 25 1.22 3.98 -1.14
C CYS A 25 0.13 5.03 -1.35
N GLN A 26 -0.86 4.69 -2.15
CA GLN A 26 -1.95 5.60 -2.43
C GLN A 26 -3.29 4.98 -2.05
N VAL A 27 -4.10 5.77 -1.41
CA VAL A 27 -5.41 5.36 -0.95
C VAL A 27 -6.39 5.34 -2.12
N LEU A 28 -6.69 4.16 -2.63
CA LEU A 28 -7.61 4.03 -3.75
C LEU A 28 -9.02 4.05 -3.23
N ASN A 29 -9.20 3.29 -2.19
CA ASN A 29 -10.44 3.17 -1.48
C ASN A 29 -10.08 3.40 -0.05
N PRO A 30 -11.03 3.68 0.85
CA PRO A 30 -10.70 3.93 2.26
C PRO A 30 -9.93 2.77 2.89
N TYR A 31 -10.32 1.55 2.56
CA TYR A 31 -9.66 0.43 3.17
C TYR A 31 -8.58 -0.14 2.24
N TYR A 32 -8.73 0.03 0.94
CA TYR A 32 -7.72 -0.44 0.03
C TYR A 32 -6.75 0.67 -0.37
N SER A 33 -5.52 0.53 0.04
CA SER A 33 -4.48 1.43 -0.36
C SER A 33 -3.43 0.61 -1.09
N GLN A 34 -2.98 1.08 -2.21
CA GLN A 34 -2.11 0.32 -3.07
C GLN A 34 -0.83 1.09 -3.38
N CYS A 35 0.28 0.38 -3.46
CA CYS A 35 1.53 0.98 -3.85
C CYS A 35 1.55 1.15 -5.35
N LEU A 36 1.44 2.37 -5.79
CA LEU A 36 1.49 2.73 -7.17
C LEU A 36 2.84 3.30 -7.45
C1 MAN B . -3.89 -3.32 12.64
C2 MAN B . -3.95 -4.78 13.22
C3 MAN B . -5.39 -5.32 13.22
C4 MAN B . -6.19 -4.78 12.03
C5 MAN B . -6.23 -3.22 12.06
C6 MAN B . -7.53 -2.64 12.61
O2 MAN B . -3.52 -4.75 14.57
O3 MAN B . -5.98 -5.00 14.47
O4 MAN B . -5.60 -5.23 10.82
O5 MAN B . -5.13 -2.67 12.86
O6 MAN B . -7.66 -2.93 13.99
H1 MAN B . -3.13 -2.77 13.23
H2 MAN B . -3.31 -5.45 12.63
H3 MAN B . -5.28 -6.41 13.15
H4 MAN B . -7.22 -5.16 12.10
H5 MAN B . -6.11 -2.90 11.01
H61 MAN B . -8.36 -3.10 12.05
H62 MAN B . -7.55 -1.56 12.43
HO2 MAN B . -2.62 -4.40 14.59
HO3 MAN B . -5.28 -5.24 15.09
HO4 MAN B . -6.10 -4.89 10.08
HO6 MAN B . -6.95 -3.55 14.24
N THR A 1 9.26 -5.04 2.65
CA THR A 1 8.86 -4.13 1.60
C THR A 1 7.66 -4.72 0.86
N GLN A 2 6.59 -3.97 0.79
CA GLN A 2 5.39 -4.42 0.14
C GLN A 2 5.49 -3.98 -1.35
N SER A 3 5.13 -4.85 -2.24
CA SER A 3 5.37 -4.66 -3.66
C SER A 3 4.27 -3.89 -4.44
N HIS A 4 4.61 -3.55 -5.68
CA HIS A 4 3.76 -2.85 -6.62
C HIS A 4 2.50 -3.65 -6.89
N TYR A 5 1.35 -2.98 -6.79
CA TYR A 5 0.00 -3.58 -6.93
C TYR A 5 -0.46 -4.32 -5.70
N GLY A 6 0.29 -4.22 -4.64
CA GLY A 6 -0.11 -4.81 -3.41
C GLY A 6 -0.75 -3.78 -2.51
N GLN A 7 -1.54 -4.24 -1.55
CA GLN A 7 -2.20 -3.36 -0.62
C GLN A 7 -1.18 -2.92 0.41
N CYS A 8 -0.88 -1.64 0.39
CA CYS A 8 0.17 -1.08 1.24
C CYS A 8 -0.31 -0.78 2.63
N GLY A 9 -1.58 -0.64 2.82
CA GLY A 9 -2.06 -0.38 4.14
C GLY A 9 -3.13 0.65 4.21
N GLY A 10 -4.32 0.20 4.05
CA GLY A 10 -5.44 1.05 4.24
C GLY A 10 -6.03 0.70 5.57
N ILE A 11 -7.22 1.15 5.84
CA ILE A 11 -7.87 0.78 7.08
C ILE A 11 -8.13 -0.74 7.09
N GLY A 12 -7.52 -1.40 8.04
CA GLY A 12 -7.68 -2.83 8.17
C GLY A 12 -6.38 -3.55 7.85
N TYR A 13 -5.55 -2.95 7.03
CA TYR A 13 -4.31 -3.58 6.65
C TYR A 13 -3.16 -2.88 7.35
N SER A 14 -2.51 -3.60 8.20
CA SER A 14 -1.38 -3.13 8.94
C SER A 14 -0.23 -4.10 8.70
N GLY A 15 0.98 -3.68 8.98
CA GLY A 15 2.12 -4.53 8.75
C GLY A 15 3.02 -3.96 7.68
N PRO A 16 3.20 -4.69 6.54
CA PRO A 16 4.03 -4.21 5.43
C PRO A 16 3.42 -2.98 4.78
N THR A 17 3.91 -1.83 5.18
CA THR A 17 3.38 -0.58 4.72
C THR A 17 4.38 0.16 3.83
N VAL A 18 5.64 -0.23 3.93
CA VAL A 18 6.69 0.38 3.14
C VAL A 18 6.68 -0.22 1.74
N CYS A 19 6.37 0.59 0.76
CA CYS A 19 6.36 0.15 -0.61
C CYS A 19 7.77 0.19 -1.18
N ALA A 20 7.97 -0.46 -2.31
CA ALA A 20 9.26 -0.48 -2.96
C ALA A 20 9.60 0.90 -3.52
N SER A 21 10.85 1.18 -3.66
CA SER A 21 11.31 2.42 -4.21
C SER A 21 10.82 2.57 -5.65
N GLY A 22 10.05 3.61 -5.89
CA GLY A 22 9.50 3.84 -7.19
C GLY A 22 8.01 3.62 -7.19
N THR A 23 7.48 3.14 -6.09
CA THR A 23 6.05 2.93 -5.96
C THR A 23 5.56 3.72 -4.77
N THR A 24 4.36 4.19 -4.81
CA THR A 24 3.85 4.96 -3.72
C THR A 24 2.60 4.34 -3.17
N CYS A 25 2.50 4.31 -1.86
CA CYS A 25 1.30 3.84 -1.23
C CYS A 25 0.22 4.87 -1.46
N GLN A 26 -0.67 4.56 -2.36
CA GLN A 26 -1.73 5.46 -2.72
C GLN A 26 -3.06 4.94 -2.23
N VAL A 27 -3.78 5.81 -1.56
CA VAL A 27 -5.07 5.49 -1.01
C VAL A 27 -6.12 5.59 -2.10
N LEU A 28 -6.66 4.47 -2.49
CA LEU A 28 -7.64 4.42 -3.55
C LEU A 28 -9.04 4.36 -2.95
N ASN A 29 -9.13 3.78 -1.79
CA ASN A 29 -10.36 3.69 -1.00
C ASN A 29 -9.92 3.80 0.43
N PRO A 30 -10.82 4.04 1.40
CA PRO A 30 -10.42 4.15 2.80
C PRO A 30 -9.66 2.91 3.30
N TYR A 31 -10.10 1.75 2.87
CA TYR A 31 -9.47 0.53 3.30
C TYR A 31 -8.49 0.02 2.24
N TYR A 32 -8.75 0.35 1.00
CA TYR A 32 -7.89 -0.09 -0.06
C TYR A 32 -6.82 0.94 -0.42
N SER A 33 -5.60 0.60 -0.16
CA SER A 33 -4.49 1.43 -0.51
C SER A 33 -3.50 0.54 -1.20
N GLN A 34 -2.97 0.95 -2.31
CA GLN A 34 -2.11 0.11 -3.11
C GLN A 34 -0.82 0.84 -3.50
N CYS A 35 0.30 0.11 -3.53
CA CYS A 35 1.56 0.68 -3.95
C CYS A 35 1.58 0.81 -5.46
N LEU A 36 1.41 2.00 -5.91
CA LEU A 36 1.44 2.33 -7.29
C LEU A 36 2.64 3.22 -7.54
C1 MAN B . -3.70 -1.70 10.00
C2 MAN B . -4.37 -0.32 10.17
C3 MAN B . -5.07 -0.23 11.53
C4 MAN B . -6.03 -1.39 11.68
C5 MAN B . -5.29 -2.71 11.53
C6 MAN B . -6.19 -3.92 11.60
O2 MAN B . -5.31 -0.11 9.13
O3 MAN B . -5.79 1.00 11.59
O4 MAN B . -6.69 -1.34 12.93
O5 MAN B . -4.65 -2.75 10.24
O6 MAN B . -5.54 -5.08 11.11
H1 MAN B . -3.40 -1.76 8.95
H2 MAN B . -3.57 0.44 10.12
H3 MAN B . -4.29 -0.28 12.32
H4 MAN B . -6.78 -1.33 10.87
H5 MAN B . -4.47 -2.82 12.27
H61 MAN B . -7.09 -3.69 11.00
H62 MAN B . -6.51 -4.06 12.64
HO2 MAN B . -4.84 -0.20 8.29
HO3 MAN B . -6.14 1.05 12.49
HO4 MAN B . -7.20 -0.52 13.00
HO6 MAN B . -5.62 -5.05 10.15
N THR A 1 9.52 -4.91 2.37
CA THR A 1 9.21 -4.12 1.21
C THR A 1 7.92 -4.65 0.57
N GLN A 2 6.92 -3.82 0.51
CA GLN A 2 5.64 -4.21 -0.05
C GLN A 2 5.72 -4.03 -1.59
N SER A 3 5.04 -4.87 -2.29
CA SER A 3 5.10 -4.93 -3.73
C SER A 3 4.07 -4.01 -4.44
N HIS A 4 4.38 -3.69 -5.68
CA HIS A 4 3.55 -2.87 -6.55
C HIS A 4 2.20 -3.56 -6.76
N TYR A 5 1.12 -2.80 -6.62
CA TYR A 5 -0.26 -3.31 -6.76
C TYR A 5 -0.75 -4.15 -5.59
N GLY A 6 0.02 -4.19 -4.54
CA GLY A 6 -0.43 -4.84 -3.33
C GLY A 6 -1.01 -3.83 -2.38
N GLN A 7 -1.75 -4.29 -1.39
CA GLN A 7 -2.34 -3.41 -0.39
C GLN A 7 -1.26 -3.03 0.61
N CYS A 8 -0.88 -1.79 0.59
CA CYS A 8 0.19 -1.29 1.44
C CYS A 8 -0.28 -0.95 2.84
N GLY A 9 -1.48 -0.45 2.97
CA GLY A 9 -1.94 -0.10 4.28
C GLY A 9 -3.12 0.81 4.24
N GLY A 10 -4.27 0.22 4.13
CA GLY A 10 -5.50 0.97 4.22
C GLY A 10 -6.17 0.57 5.49
N ILE A 11 -7.36 1.06 5.73
CA ILE A 11 -8.09 0.68 6.92
C ILE A 11 -8.35 -0.84 6.87
N GLY A 12 -7.90 -1.53 7.88
CA GLY A 12 -8.05 -2.97 7.90
C GLY A 12 -6.74 -3.68 7.62
N TYR A 13 -5.72 -2.92 7.25
CA TYR A 13 -4.40 -3.49 6.98
C TYR A 13 -3.38 -2.81 7.85
N SER A 14 -2.50 -3.59 8.41
CA SER A 14 -1.41 -3.13 9.24
C SER A 14 -0.25 -4.10 9.10
N GLY A 15 0.72 -3.73 8.31
CA GLY A 15 1.84 -4.58 8.06
C GLY A 15 2.90 -3.81 7.34
N PRO A 16 3.50 -4.37 6.28
CA PRO A 16 4.52 -3.69 5.49
C PRO A 16 3.92 -2.53 4.71
N THR A 17 4.08 -1.34 5.23
CA THR A 17 3.54 -0.18 4.60
C THR A 17 4.55 0.45 3.66
N VAL A 18 5.82 0.07 3.84
CA VAL A 18 6.90 0.57 3.00
C VAL A 18 6.86 -0.12 1.65
N CYS A 19 6.50 0.62 0.63
CA CYS A 19 6.43 0.08 -0.71
C CYS A 19 7.80 0.16 -1.37
N ALA A 20 7.99 -0.66 -2.40
CA ALA A 20 9.23 -0.72 -3.17
C ALA A 20 9.58 0.66 -3.74
N SER A 21 10.86 0.88 -3.94
CA SER A 21 11.37 2.14 -4.42
C SER A 21 10.79 2.49 -5.81
N GLY A 22 10.00 3.53 -5.83
CA GLY A 22 9.38 3.96 -7.03
C GLY A 22 7.90 3.74 -6.99
N THR A 23 7.44 3.00 -6.00
CA THR A 23 6.04 2.78 -5.85
C THR A 23 5.58 3.48 -4.58
N THR A 24 4.47 4.14 -4.64
CA THR A 24 3.98 4.89 -3.53
C THR A 24 2.68 4.33 -3.01
N CYS A 25 2.56 4.27 -1.72
CA CYS A 25 1.36 3.79 -1.08
C CYS A 25 0.28 4.84 -1.26
N GLN A 26 -0.64 4.57 -2.12
CA GLN A 26 -1.71 5.48 -2.37
C GLN A 26 -3.01 4.90 -1.91
N VAL A 27 -3.69 5.65 -1.09
CA VAL A 27 -4.99 5.27 -0.62
C VAL A 27 -5.96 5.40 -1.78
N LEU A 28 -6.31 4.29 -2.36
CA LEU A 28 -7.14 4.25 -3.54
C LEU A 28 -8.59 4.37 -3.09
N ASN A 29 -8.90 3.62 -2.07
CA ASN A 29 -10.19 3.57 -1.44
C ASN A 29 -9.93 3.67 0.04
N PRO A 30 -10.93 3.94 0.89
CA PRO A 30 -10.72 4.08 2.35
C PRO A 30 -9.99 2.88 2.98
N TYR A 31 -10.37 1.67 2.59
CA TYR A 31 -9.72 0.53 3.19
C TYR A 31 -8.62 0.02 2.26
N TYR A 32 -8.76 0.26 0.98
CA TYR A 32 -7.78 -0.21 0.02
C TYR A 32 -6.70 0.84 -0.31
N SER A 33 -5.50 0.55 0.06
CA SER A 33 -4.38 1.39 -0.31
C SER A 33 -3.44 0.51 -1.09
N GLN A 34 -2.89 1.02 -2.15
CA GLN A 34 -2.08 0.22 -3.05
C GLN A 34 -0.79 0.94 -3.41
N CYS A 35 0.30 0.18 -3.51
CA CYS A 35 1.57 0.72 -3.92
C CYS A 35 1.57 0.95 -5.42
N LEU A 36 1.45 2.19 -5.80
CA LEU A 36 1.45 2.62 -7.16
C LEU A 36 2.76 3.30 -7.44
C1 MAN B . -3.38 -1.81 12.09
C2 MAN B . -4.52 -2.84 12.14
C3 MAN B . -5.56 -2.47 11.11
C4 MAN B . -6.06 -1.06 11.37
C5 MAN B . -4.89 -0.07 11.36
C6 MAN B . -5.30 1.35 11.75
O2 MAN B . -5.14 -2.81 13.41
O3 MAN B . -6.69 -3.33 11.22
O4 MAN B . -7.00 -0.70 10.38
O5 MAN B . -3.90 -0.50 12.34
O6 MAN B . -6.23 1.90 10.81
H1 MAN B . -2.65 -1.99 12.90
H2 MAN B . -4.16 -3.85 11.91
H3 MAN B . -5.14 -2.49 10.10
H4 MAN B . -6.53 -1.01 12.36
H5 MAN B . -4.40 -0.07 10.37
H61 MAN B . -4.40 1.97 11.81
H62 MAN B . -5.75 1.32 12.75
HO2 MAN B . -5.93 -3.37 13.32
HO3 MAN B . -7.37 -2.93 10.66
HO4 MAN B . -7.22 0.23 10.58
HO6 MAN B . -5.73 2.04 9.99
N THR A 1 9.74 -4.91 2.59
CA THR A 1 9.18 -3.92 1.71
C THR A 1 8.04 -4.56 0.92
N GLN A 2 7.01 -3.81 0.61
CA GLN A 2 5.86 -4.31 -0.14
C GLN A 2 6.15 -4.09 -1.65
N SER A 3 5.57 -4.90 -2.50
CA SER A 3 5.80 -4.84 -3.92
C SER A 3 4.77 -3.94 -4.64
N HIS A 4 5.00 -3.73 -5.93
CA HIS A 4 4.14 -2.94 -6.78
C HIS A 4 2.82 -3.71 -7.03
N TYR A 5 1.70 -2.99 -6.93
CA TYR A 5 0.34 -3.55 -7.11
C TYR A 5 -0.05 -4.50 -5.99
N GLY A 6 -0.04 -3.99 -4.79
CA GLY A 6 -0.45 -4.75 -3.64
C GLY A 6 -0.90 -3.81 -2.56
N GLN A 7 -1.77 -4.26 -1.69
CA GLN A 7 -2.28 -3.43 -0.61
C GLN A 7 -1.18 -3.13 0.40
N CYS A 8 -0.85 -1.87 0.51
CA CYS A 8 0.16 -1.40 1.44
C CYS A 8 -0.43 -1.23 2.82
N GLY A 9 -1.58 -0.60 2.91
CA GLY A 9 -2.20 -0.43 4.18
C GLY A 9 -3.19 0.68 4.21
N GLY A 10 -4.44 0.31 4.28
CA GLY A 10 -5.49 1.27 4.43
C GLY A 10 -6.08 1.12 5.80
N ILE A 11 -7.27 1.60 6.00
CA ILE A 11 -7.94 1.43 7.28
C ILE A 11 -8.24 -0.06 7.49
N GLY A 12 -7.74 -0.60 8.56
CA GLY A 12 -8.01 -1.98 8.87
C GLY A 12 -6.91 -2.92 8.43
N TYR A 13 -5.90 -2.42 7.76
CA TYR A 13 -4.81 -3.26 7.32
C TYR A 13 -3.51 -2.86 8.00
N SER A 14 -2.74 -3.84 8.40
CA SER A 14 -1.46 -3.61 9.01
C SER A 14 -0.50 -4.66 8.43
N GLY A 15 0.74 -4.29 8.27
CA GLY A 15 1.71 -5.19 7.71
C GLY A 15 2.80 -4.42 7.00
N PRO A 16 3.23 -4.86 5.81
CA PRO A 16 4.24 -4.15 5.03
C PRO A 16 3.67 -2.87 4.42
N THR A 17 3.80 -1.80 5.14
CA THR A 17 3.25 -0.55 4.76
C THR A 17 4.25 0.32 3.99
N VAL A 18 5.48 -0.15 3.90
CA VAL A 18 6.50 0.54 3.15
C VAL A 18 6.57 -0.06 1.75
N CYS A 19 6.21 0.73 0.77
CA CYS A 19 6.19 0.29 -0.61
C CYS A 19 7.58 0.32 -1.21
N ALA A 20 7.74 -0.38 -2.32
CA ALA A 20 9.00 -0.48 -3.04
C ALA A 20 9.42 0.87 -3.59
N SER A 21 10.72 1.08 -3.74
CA SER A 21 11.25 2.31 -4.25
C SER A 21 10.74 2.58 -5.66
N GLY A 22 10.00 3.65 -5.79
CA GLY A 22 9.43 4.03 -7.05
C GLY A 22 7.94 3.87 -7.04
N THR A 23 7.43 3.15 -6.06
CA THR A 23 6.01 2.95 -5.94
C THR A 23 5.51 3.72 -4.75
N THR A 24 4.31 4.21 -4.84
CA THR A 24 3.75 5.01 -3.80
C THR A 24 2.51 4.35 -3.22
N CYS A 25 2.40 4.33 -1.92
CA CYS A 25 1.23 3.79 -1.25
C CYS A 25 0.10 4.79 -1.42
N GLN A 26 -0.75 4.54 -2.39
CA GLN A 26 -1.85 5.43 -2.69
C GLN A 26 -3.11 4.90 -2.07
N VAL A 27 -3.80 5.76 -1.37
CA VAL A 27 -5.04 5.40 -0.74
C VAL A 27 -6.15 5.52 -1.78
N LEU A 28 -6.45 4.42 -2.40
CA LEU A 28 -7.43 4.36 -3.47
C LEU A 28 -8.83 4.39 -2.88
N ASN A 29 -9.01 3.59 -1.89
CA ASN A 29 -10.25 3.45 -1.18
C ASN A 29 -9.88 3.64 0.28
N PRO A 30 -10.85 3.81 1.21
CA PRO A 30 -10.52 4.02 2.63
C PRO A 30 -9.74 2.84 3.22
N TYR A 31 -10.03 1.64 2.76
CA TYR A 31 -9.36 0.50 3.31
C TYR A 31 -8.35 -0.04 2.28
N TYR A 32 -8.62 0.19 1.02
CA TYR A 32 -7.72 -0.28 -0.01
C TYR A 32 -6.69 0.77 -0.37
N SER A 33 -5.49 0.51 -0.09
CA SER A 33 -4.41 1.37 -0.46
C SER A 33 -3.39 0.49 -1.14
N GLN A 34 -2.87 0.93 -2.25
CA GLN A 34 -2.02 0.08 -3.02
C GLN A 34 -0.75 0.80 -3.46
N CYS A 35 0.36 0.09 -3.45
CA CYS A 35 1.62 0.62 -3.91
C CYS A 35 1.61 0.73 -5.41
N LEU A 36 1.47 1.92 -5.88
CA LEU A 36 1.46 2.24 -7.25
C LEU A 36 2.71 3.00 -7.55
C1 MAN B . -2.89 -3.01 12.41
C2 MAN B . -2.84 -4.39 13.09
C3 MAN B . -4.01 -5.28 12.66
C4 MAN B . -5.16 -4.50 11.99
C5 MAN B . -5.36 -3.06 12.58
C6 MAN B . -6.17 -3.03 13.87
O2 MAN B . -2.91 -4.19 14.50
O3 MAN B . -4.51 -5.98 13.80
O4 MAN B . -5.02 -4.49 10.59
O5 MAN B . -4.09 -2.34 12.82
O6 MAN B . -5.49 -3.66 14.95
H1 MAN B . -2.03 -2.44 12.79
H2 MAN B . -1.88 -4.87 12.83
H3 MAN B . -3.60 -6.00 11.94
H4 MAN B . -6.07 -5.08 12.21
H5 MAN B . -5.91 -2.49 11.81
H61 MAN B . -7.14 -3.50 13.67
H62 MAN B . -6.38 -1.97 14.13
HO2 MAN B . -3.77 -3.76 14.62
HO3 MAN B . -4.88 -5.31 14.38
HO4 MAN B . -5.82 -4.12 10.21
HO6 MAN B . -5.76 -3.22 15.76
N THR A 1 9.59 -4.77 1.29
CA THR A 1 8.76 -3.68 0.85
C THR A 1 7.54 -4.22 0.12
N GLN A 2 6.41 -3.57 0.28
CA GLN A 2 5.19 -4.06 -0.31
C GLN A 2 5.25 -3.83 -1.84
N SER A 3 4.91 -4.86 -2.57
CA SER A 3 5.04 -4.92 -4.02
C SER A 3 4.10 -3.94 -4.76
N HIS A 4 4.45 -3.65 -6.00
CA HIS A 4 3.66 -2.78 -6.85
C HIS A 4 2.35 -3.50 -7.15
N TYR A 5 1.23 -2.87 -6.80
CA TYR A 5 -0.11 -3.45 -6.93
C TYR A 5 -0.43 -4.43 -5.79
N GLY A 6 -0.37 -3.91 -4.59
CA GLY A 6 -0.72 -4.66 -3.40
C GLY A 6 -1.10 -3.68 -2.32
N GLN A 7 -1.82 -4.12 -1.31
CA GLN A 7 -2.26 -3.24 -0.25
C GLN A 7 -1.11 -2.97 0.72
N CYS A 8 -0.73 -1.74 0.78
CA CYS A 8 0.38 -1.30 1.62
C CYS A 8 -0.04 -0.99 3.02
N GLY A 9 -1.14 -0.29 3.17
CA GLY A 9 -1.56 0.08 4.48
C GLY A 9 -2.76 0.95 4.46
N GLY A 10 -3.90 0.33 4.37
CA GLY A 10 -5.13 1.06 4.42
C GLY A 10 -5.82 0.77 5.71
N ILE A 11 -7.04 1.24 5.85
CA ILE A 11 -7.79 1.00 7.06
C ILE A 11 -8.12 -0.49 7.18
N GLY A 12 -7.55 -1.13 8.17
CA GLY A 12 -7.76 -2.53 8.40
C GLY A 12 -6.52 -3.33 8.08
N TYR A 13 -5.53 -2.69 7.50
CA TYR A 13 -4.31 -3.37 7.15
C TYR A 13 -3.21 -3.03 8.14
N SER A 14 -2.51 -4.03 8.57
CA SER A 14 -1.38 -3.89 9.44
C SER A 14 -0.30 -4.84 8.97
N GLY A 15 0.82 -4.28 8.55
CA GLY A 15 1.90 -5.07 8.04
C GLY A 15 2.95 -4.20 7.40
N PRO A 16 3.63 -4.67 6.34
CA PRO A 16 4.65 -3.89 5.63
C PRO A 16 4.01 -2.77 4.81
N THR A 17 3.98 -1.60 5.40
CA THR A 17 3.37 -0.44 4.81
C THR A 17 4.30 0.23 3.79
N VAL A 18 5.59 0.06 3.97
CA VAL A 18 6.56 0.68 3.10
C VAL A 18 6.61 -0.06 1.76
N CYS A 19 6.28 0.64 0.72
CA CYS A 19 6.27 0.08 -0.61
C CYS A 19 7.67 0.07 -1.20
N ALA A 20 7.83 -0.64 -2.28
CA ALA A 20 9.12 -0.72 -2.95
C ALA A 20 9.53 0.63 -3.53
N SER A 21 10.83 0.83 -3.67
CA SER A 21 11.37 2.05 -4.22
C SER A 21 10.81 2.30 -5.62
N GLY A 22 10.09 3.38 -5.78
CA GLY A 22 9.51 3.68 -7.07
C GLY A 22 8.02 3.49 -7.06
N THR A 23 7.48 3.08 -5.93
CA THR A 23 6.06 2.91 -5.79
C THR A 23 5.60 3.66 -4.56
N THR A 24 4.44 4.25 -4.62
CA THR A 24 3.95 5.05 -3.52
C THR A 24 2.68 4.44 -2.93
N CYS A 25 2.59 4.39 -1.62
CA CYS A 25 1.42 3.86 -0.97
C CYS A 25 0.31 4.88 -1.04
N GLN A 26 -0.62 4.67 -1.92
CA GLN A 26 -1.70 5.62 -2.10
C GLN A 26 -3.03 4.98 -1.84
N VAL A 27 -3.91 5.74 -1.25
CA VAL A 27 -5.26 5.33 -1.00
C VAL A 27 -5.96 5.12 -2.35
N LEU A 28 -6.31 3.89 -2.63
CA LEU A 28 -6.94 3.55 -3.88
C LEU A 28 -8.45 3.59 -3.65
N ASN A 29 -8.83 3.04 -2.54
CA ASN A 29 -10.20 2.99 -2.07
C ASN A 29 -10.13 3.36 -0.60
N PRO A 30 -11.24 3.70 0.08
CA PRO A 30 -11.20 4.13 1.50
C PRO A 30 -10.40 3.20 2.44
N TYR A 31 -10.50 1.91 2.23
CA TYR A 31 -9.79 0.98 3.09
C TYR A 31 -8.60 0.36 2.37
N TYR A 32 -8.66 0.34 1.06
CA TYR A 32 -7.60 -0.22 0.29
C TYR A 32 -6.59 0.85 -0.15
N SER A 33 -5.40 0.76 0.36
CA SER A 33 -4.34 1.62 -0.10
C SER A 33 -3.35 0.72 -0.81
N GLN A 34 -2.87 1.15 -1.94
CA GLN A 34 -2.04 0.31 -2.76
C GLN A 34 -0.79 1.03 -3.21
N CYS A 35 0.30 0.29 -3.30
CA CYS A 35 1.54 0.79 -3.81
C CYS A 35 1.43 0.98 -5.31
N LEU A 36 1.38 2.22 -5.71
CA LEU A 36 1.29 2.61 -7.08
C LEU A 36 2.53 3.38 -7.42
C1 MAN B . -3.65 -3.67 12.35
C2 MAN B . -2.86 -4.05 13.63
C3 MAN B . -3.74 -4.88 14.58
C4 MAN B . -5.20 -4.57 14.30
C5 MAN B . -5.57 -5.03 12.86
C6 MAN B . -6.79 -4.31 12.30
O2 MAN B . -2.47 -2.87 14.31
O3 MAN B . -3.46 -4.51 15.91
O4 MAN B . -6.00 -5.20 15.28
O5 MAN B . -4.47 -4.76 11.95
O6 MAN B . -7.97 -4.60 13.04
H1 MAN B . -4.33 -2.85 12.61
H2 MAN B . -1.98 -4.64 13.33
H3 MAN B . -3.57 -5.95 14.42
H4 MAN B . -5.32 -3.48 14.37
H5 MAN B . -5.73 -6.12 12.83
H61 MAN B . -6.91 -4.63 11.25
H62 MAN B . -6.62 -3.22 12.30
HO2 MAN B . -1.98 -2.32 13.68
HO3 MAN B . -3.56 -3.54 15.93
HO4 MAN B . -5.65 -4.89 16.12
HO6 MAN B . -7.72 -4.73 13.97
N THR A 1 8.84 -4.12 3.15
CA THR A 1 8.50 -3.62 1.85
C THR A 1 7.25 -4.33 1.33
N GLN A 2 6.40 -3.62 0.63
CA GLN A 2 5.21 -4.19 0.07
C GLN A 2 5.24 -3.97 -1.46
N SER A 3 4.82 -4.98 -2.19
CA SER A 3 4.89 -5.06 -3.64
C SER A 3 4.10 -3.97 -4.41
N HIS A 4 4.56 -3.70 -5.62
CA HIS A 4 3.91 -2.77 -6.53
C HIS A 4 2.54 -3.35 -6.86
N TYR A 5 1.50 -2.53 -6.79
CA TYR A 5 0.11 -2.94 -7.03
C TYR A 5 -0.48 -3.84 -5.93
N GLY A 6 0.19 -3.94 -4.82
CA GLY A 6 -0.36 -4.67 -3.70
C GLY A 6 -0.95 -3.71 -2.68
N GLN A 7 -1.72 -4.24 -1.73
CA GLN A 7 -2.31 -3.43 -0.69
C GLN A 7 -1.26 -3.09 0.36
N CYS A 8 -0.85 -1.84 0.39
CA CYS A 8 0.21 -1.39 1.27
C CYS A 8 -0.27 -1.07 2.66
N GLY A 9 -1.47 -0.58 2.79
CA GLY A 9 -1.92 -0.25 4.11
C GLY A 9 -3.08 0.68 4.11
N GLY A 10 -4.24 0.12 4.16
CA GLY A 10 -5.43 0.89 4.31
C GLY A 10 -5.99 0.63 5.66
N ILE A 11 -7.19 1.09 5.91
CA ILE A 11 -7.86 0.80 7.17
C ILE A 11 -8.06 -0.72 7.26
N GLY A 12 -7.48 -1.31 8.27
CA GLY A 12 -7.65 -2.73 8.46
C GLY A 12 -6.42 -3.49 8.06
N TYR A 13 -5.54 -2.85 7.33
CA TYR A 13 -4.31 -3.47 6.93
C TYR A 13 -3.20 -2.88 7.75
N SER A 14 -2.51 -3.72 8.46
CA SER A 14 -1.44 -3.28 9.30
C SER A 14 -0.29 -4.23 9.08
N GLY A 15 0.85 -3.72 8.70
CA GLY A 15 1.96 -4.57 8.41
C GLY A 15 2.96 -3.89 7.51
N PRO A 16 3.33 -4.49 6.36
CA PRO A 16 4.27 -3.89 5.42
C PRO A 16 3.63 -2.72 4.67
N THR A 17 3.87 -1.53 5.16
CA THR A 17 3.27 -0.34 4.61
C THR A 17 4.23 0.43 3.71
N VAL A 18 5.49 0.06 3.72
CA VAL A 18 6.48 0.75 2.92
C VAL A 18 6.57 0.09 1.56
N CYS A 19 6.20 0.81 0.56
CA CYS A 19 6.20 0.27 -0.79
C CYS A 19 7.61 0.18 -1.35
N ALA A 20 7.74 -0.65 -2.36
CA ALA A 20 9.00 -0.89 -3.03
C ALA A 20 9.55 0.36 -3.74
N SER A 21 10.77 0.26 -4.19
CA SER A 21 11.47 1.37 -4.79
C SER A 21 10.75 1.85 -6.06
N GLY A 22 10.33 3.09 -6.04
CA GLY A 22 9.67 3.67 -7.17
C GLY A 22 8.19 3.73 -6.99
N THR A 23 7.68 3.08 -5.95
CA THR A 23 6.25 3.01 -5.77
C THR A 23 5.79 3.75 -4.52
N THR A 24 4.62 4.35 -4.60
CA THR A 24 4.07 5.10 -3.50
C THR A 24 2.77 4.45 -3.00
N CYS A 25 2.63 4.34 -1.70
CA CYS A 25 1.43 3.80 -1.09
C CYS A 25 0.32 4.83 -1.18
N GLN A 26 -0.61 4.62 -2.06
CA GLN A 26 -1.67 5.57 -2.25
C GLN A 26 -3.00 4.98 -1.87
N VAL A 27 -3.81 5.79 -1.24
CA VAL A 27 -5.13 5.39 -0.83
C VAL A 27 -6.05 5.40 -2.03
N LEU A 28 -6.51 4.24 -2.43
CA LEU A 28 -7.38 4.13 -3.59
C LEU A 28 -8.83 4.09 -3.10
N ASN A 29 -9.00 3.47 -1.95
CA ASN A 29 -10.27 3.34 -1.26
C ASN A 29 -9.95 3.46 0.21
N PRO A 30 -10.94 3.66 1.11
CA PRO A 30 -10.68 3.77 2.55
C PRO A 30 -9.86 2.61 3.11
N TYR A 31 -10.19 1.40 2.72
CA TYR A 31 -9.45 0.25 3.21
C TYR A 31 -8.39 -0.16 2.20
N TYR A 32 -8.61 0.13 0.95
CA TYR A 32 -7.67 -0.27 -0.05
C TYR A 32 -6.64 0.81 -0.36
N SER A 33 -5.42 0.54 -0.04
CA SER A 33 -4.34 1.41 -0.42
C SER A 33 -3.39 0.57 -1.23
N GLN A 34 -2.89 1.09 -2.30
CA GLN A 34 -2.08 0.34 -3.22
C GLN A 34 -0.81 1.09 -3.58
N CYS A 35 0.28 0.36 -3.69
CA CYS A 35 1.54 0.93 -4.08
C CYS A 35 1.56 1.16 -5.58
N LEU A 36 1.50 2.40 -5.95
CA LEU A 36 1.55 2.80 -7.33
C LEU A 36 2.95 3.29 -7.61
C1 MAN B . -3.71 -2.74 12.18
C2 MAN B . -5.26 -2.79 12.27
C3 MAN B . -5.89 -1.38 12.17
C4 MAN B . -5.03 -0.43 11.34
C5 MAN B . -3.57 -0.36 11.90
C6 MAN B . -3.30 0.87 12.76
O2 MAN B . -5.63 -3.32 13.54
O3 MAN B . -6.12 -0.90 13.46
O4 MAN B . -5.05 -0.82 9.97
O5 MAN B . -3.26 -1.53 12.73
O6 MAN B . -4.09 0.85 13.95
H1 MAN B . -3.36 -3.61 12.78
H2 MAN B . -5.65 -3.43 11.46
H3 MAN B . -6.87 -1.55 11.67
H4 MAN B . -5.48 0.56 11.41
H5 MAN B . -2.88 -0.35 11.04
H61 MAN B . -3.53 1.75 12.15
H62 MAN B . -2.24 0.90 13.01
HO2 MAN B . -5.25 -4.21 13.57
HO3 MAN B . -6.53 -1.64 13.92
HO4 MAN B . -4.52 -0.19 9.48
HO6 MAN B . -4.67 0.06 13.90
N THR A 1 10.23 -4.66 2.17
CA THR A 1 9.51 -3.62 1.47
C THR A 1 8.41 -4.30 0.65
N GLN A 2 7.20 -3.75 0.59
CA GLN A 2 6.11 -4.44 -0.10
C GLN A 2 6.14 -4.17 -1.60
N SER A 3 5.75 -5.16 -2.35
CA SER A 3 5.70 -5.16 -3.79
C SER A 3 4.72 -4.12 -4.38
N HIS A 4 4.87 -3.89 -5.67
CA HIS A 4 4.02 -3.04 -6.46
C HIS A 4 2.68 -3.77 -6.58
N TYR A 5 1.58 -3.03 -6.48
CA TYR A 5 0.23 -3.60 -6.52
C TYR A 5 -0.12 -4.38 -5.26
N GLY A 6 0.58 -4.06 -4.19
CA GLY A 6 0.24 -4.60 -2.91
C GLY A 6 -0.50 -3.56 -2.12
N GLN A 7 -1.41 -3.98 -1.27
CA GLN A 7 -2.11 -3.06 -0.42
C GLN A 7 -1.15 -2.52 0.62
N CYS A 8 -0.80 -1.28 0.48
CA CYS A 8 0.21 -0.68 1.32
C CYS A 8 -0.24 -0.48 2.74
N GLY A 9 -1.41 0.07 2.91
CA GLY A 9 -1.83 0.35 4.23
C GLY A 9 -3.07 1.16 4.26
N GLY A 10 -4.16 0.46 4.24
CA GLY A 10 -5.43 1.07 4.41
C GLY A 10 -5.98 0.64 5.74
N ILE A 11 -7.12 1.13 6.11
CA ILE A 11 -7.74 0.73 7.36
C ILE A 11 -8.11 -0.75 7.27
N GLY A 12 -7.52 -1.54 8.11
CA GLY A 12 -7.78 -2.96 8.07
C GLY A 12 -6.56 -3.71 7.59
N TYR A 13 -5.59 -2.98 7.08
CA TYR A 13 -4.37 -3.58 6.65
C TYR A 13 -3.36 -3.45 7.77
N SER A 14 -2.71 -4.54 8.05
CA SER A 14 -1.73 -4.61 9.09
C SER A 14 -0.51 -5.34 8.56
N GLY A 15 0.45 -4.59 8.11
CA GLY A 15 1.64 -5.17 7.57
C GLY A 15 2.59 -4.13 7.06
N PRO A 16 3.36 -4.44 6.02
CA PRO A 16 4.35 -3.53 5.47
C PRO A 16 3.72 -2.38 4.69
N THR A 17 3.77 -1.21 5.25
CA THR A 17 3.19 -0.03 4.64
C THR A 17 4.18 0.64 3.69
N VAL A 18 5.43 0.24 3.80
CA VAL A 18 6.48 0.81 3.00
C VAL A 18 6.52 0.11 1.65
N CYS A 19 6.25 0.85 0.61
CA CYS A 19 6.20 0.30 -0.72
C CYS A 19 7.58 0.27 -1.34
N ALA A 20 7.77 -0.66 -2.27
CA ALA A 20 9.01 -0.87 -3.00
C ALA A 20 9.51 0.40 -3.63
N SER A 21 10.82 0.49 -3.74
CA SER A 21 11.47 1.62 -4.33
C SER A 21 10.93 1.88 -5.75
N GLY A 22 10.25 2.99 -5.89
CA GLY A 22 9.69 3.35 -7.16
C GLY A 22 8.17 3.26 -7.17
N THR A 23 7.58 2.86 -6.05
CA THR A 23 6.13 2.74 -5.96
C THR A 23 5.65 3.47 -4.71
N THR A 24 4.51 4.11 -4.78
CA THR A 24 4.00 4.86 -3.64
C THR A 24 2.66 4.34 -3.18
N CYS A 25 2.42 4.47 -1.89
CA CYS A 25 1.17 4.06 -1.31
C CYS A 25 0.12 5.08 -1.67
N GLN A 26 -0.90 4.65 -2.37
CA GLN A 26 -1.95 5.55 -2.75
C GLN A 26 -3.29 5.07 -2.23
N VAL A 27 -3.97 5.96 -1.54
CA VAL A 27 -5.25 5.67 -0.96
C VAL A 27 -6.32 5.76 -2.04
N LEU A 28 -6.76 4.63 -2.49
CA LEU A 28 -7.77 4.55 -3.53
C LEU A 28 -9.15 4.62 -2.89
N ASN A 29 -9.32 3.80 -1.89
CA ASN A 29 -10.58 3.67 -1.17
C ASN A 29 -10.25 3.81 0.31
N PRO A 30 -11.24 3.91 1.24
CA PRO A 30 -10.94 4.08 2.67
C PRO A 30 -10.08 2.95 3.23
N TYR A 31 -10.42 1.73 2.87
CA TYR A 31 -9.68 0.61 3.38
C TYR A 31 -8.64 0.14 2.35
N TYR A 32 -8.92 0.41 1.09
CA TYR A 32 -8.01 -0.03 0.04
C TYR A 32 -7.01 1.04 -0.32
N SER A 33 -5.79 0.78 -0.06
CA SER A 33 -4.72 1.65 -0.42
C SER A 33 -3.63 0.77 -1.00
N GLN A 34 -3.14 1.08 -2.18
CA GLN A 34 -2.23 0.20 -2.87
C GLN A 34 -0.97 0.93 -3.36
N CYS A 35 0.15 0.23 -3.40
CA CYS A 35 1.40 0.77 -3.89
C CYS A 35 1.37 0.81 -5.41
N LEU A 36 1.36 2.00 -5.93
CA LEU A 36 1.36 2.24 -7.34
C LEU A 36 2.66 2.90 -7.71
C1 MAN B . -4.55 -5.46 11.28
C2 MAN B . -3.99 -6.27 12.48
C3 MAN B . -4.84 -7.52 12.74
C4 MAN B . -6.26 -7.26 12.30
C5 MAN B . -6.29 -7.08 10.76
C6 MAN B . -7.50 -6.29 10.26
O2 MAN B . -4.01 -5.52 13.68
O3 MAN B . -4.82 -7.78 14.13
O4 MAN B . -7.06 -8.37 12.69
O5 MAN B . -5.09 -6.36 10.31
O6 MAN B . -7.62 -5.02 10.92
H1 MAN B . -5.38 -4.83 11.63
H2 MAN B . -2.96 -6.62 12.29
H3 MAN B . -4.41 -8.36 12.17
H4 MAN B . -6.63 -6.34 12.78
H5 MAN B . -6.26 -8.06 10.27
H61 MAN B . -8.39 -6.91 10.41
H62 MAN B . -7.39 -6.13 9.18
HO2 MAN B . -3.84 -6.20 14.34
HO3 MAN B . -5.38 -8.55 14.25
HO4 MAN B . -7.97 -8.20 12.43
HO6 MAN B . -8.57 -4.85 11.03
N THR A 1 10.21 -3.69 2.04
CA THR A 1 9.29 -2.91 1.24
C THR A 1 8.25 -3.85 0.64
N GLN A 2 7.08 -3.34 0.32
CA GLN A 2 6.05 -4.17 -0.27
C GLN A 2 6.06 -4.06 -1.80
N SER A 3 5.50 -5.07 -2.43
CA SER A 3 5.38 -5.21 -3.85
C SER A 3 4.47 -4.15 -4.50
N HIS A 4 4.57 -4.05 -5.81
CA HIS A 4 3.73 -3.17 -6.60
C HIS A 4 2.41 -3.88 -6.79
N TYR A 5 1.30 -3.16 -6.59
CA TYR A 5 -0.05 -3.75 -6.65
C TYR A 5 -0.35 -4.63 -5.45
N GLY A 6 -0.27 -4.01 -4.31
CA GLY A 6 -0.58 -4.64 -3.07
C GLY A 6 -1.03 -3.58 -2.12
N GLN A 7 -1.79 -3.95 -1.13
CA GLN A 7 -2.31 -3.01 -0.17
C GLN A 7 -1.21 -2.62 0.80
N CYS A 8 -0.76 -1.40 0.70
CA CYS A 8 0.32 -0.88 1.51
C CYS A 8 -0.08 -0.72 2.95
N GLY A 9 -1.18 -0.09 3.16
CA GLY A 9 -1.63 0.18 4.46
C GLY A 9 -2.92 0.88 4.43
N GLY A 10 -3.96 0.11 4.39
CA GLY A 10 -5.26 0.67 4.41
C GLY A 10 -5.90 0.35 5.72
N ILE A 11 -7.04 0.93 5.96
CA ILE A 11 -7.78 0.68 7.19
C ILE A 11 -8.15 -0.81 7.25
N GLY A 12 -7.58 -1.50 8.19
CA GLY A 12 -7.86 -2.91 8.35
C GLY A 12 -6.68 -3.77 7.92
N TYR A 13 -5.71 -3.15 7.28
CA TYR A 13 -4.53 -3.85 6.85
C TYR A 13 -3.38 -3.51 7.75
N SER A 14 -2.68 -4.51 8.18
CA SER A 14 -1.50 -4.32 8.95
C SER A 14 -0.38 -5.11 8.28
N GLY A 15 0.75 -4.47 8.04
CA GLY A 15 1.84 -5.15 7.39
C GLY A 15 2.86 -4.16 6.87
N PRO A 16 3.62 -4.52 5.81
CA PRO A 16 4.64 -3.66 5.23
C PRO A 16 4.03 -2.46 4.51
N THR A 17 4.01 -1.34 5.18
CA THR A 17 3.39 -0.14 4.68
C THR A 17 4.29 0.62 3.71
N VAL A 18 5.58 0.37 3.80
CA VAL A 18 6.53 1.03 2.95
C VAL A 18 6.67 0.20 1.68
N CYS A 19 6.41 0.80 0.57
CA CYS A 19 6.42 0.09 -0.68
C CYS A 19 7.82 0.14 -1.30
N ALA A 20 8.06 -0.72 -2.29
CA ALA A 20 9.35 -0.79 -2.99
C ALA A 20 9.69 0.54 -3.64
N SER A 21 10.96 0.75 -3.92
CA SER A 21 11.44 1.96 -4.52
C SER A 21 10.76 2.17 -5.88
N GLY A 22 10.03 3.25 -6.01
CA GLY A 22 9.31 3.52 -7.23
C GLY A 22 7.82 3.39 -7.04
N THR A 23 7.44 2.67 -6.00
CA THR A 23 6.04 2.47 -5.71
C THR A 23 5.67 3.25 -4.46
N THR A 24 4.51 3.82 -4.45
CA THR A 24 4.07 4.64 -3.35
C THR A 24 2.74 4.14 -2.80
N CYS A 25 2.54 4.30 -1.52
CA CYS A 25 1.31 3.92 -0.89
C CYS A 25 0.27 4.97 -1.23
N GLN A 26 -0.69 4.62 -2.05
CA GLN A 26 -1.73 5.53 -2.44
C GLN A 26 -3.08 5.04 -2.00
N VAL A 27 -3.84 5.90 -1.39
CA VAL A 27 -5.18 5.59 -0.95
C VAL A 27 -6.10 5.60 -2.17
N LEU A 28 -6.54 4.43 -2.57
CA LEU A 28 -7.39 4.31 -3.75
C LEU A 28 -8.85 4.36 -3.35
N ASN A 29 -9.14 3.64 -2.30
CA ASN A 29 -10.47 3.52 -1.76
C ASN A 29 -10.37 3.80 -0.28
N PRO A 30 -11.49 4.04 0.44
CA PRO A 30 -11.46 4.36 1.89
C PRO A 30 -10.62 3.37 2.72
N TYR A 31 -10.74 2.09 2.43
CA TYR A 31 -9.97 1.10 3.16
C TYR A 31 -8.82 0.57 2.32
N TYR A 32 -8.94 0.64 1.01
CA TYR A 32 -7.90 0.11 0.16
C TYR A 32 -6.87 1.16 -0.22
N SER A 33 -5.68 0.95 0.22
CA SER A 33 -4.57 1.78 -0.16
C SER A 33 -3.53 0.84 -0.80
N GLN A 34 -3.02 1.18 -1.95
CA GLN A 34 -2.18 0.27 -2.70
C GLN A 34 -0.86 0.92 -3.11
N CYS A 35 0.18 0.10 -3.20
CA CYS A 35 1.47 0.54 -3.66
C CYS A 35 1.47 0.66 -5.17
N LEU A 36 1.46 1.86 -5.63
CA LEU A 36 1.53 2.19 -7.03
C LEU A 36 2.83 2.91 -7.26
C1 MAN B . -2.94 -2.76 10.90
C2 MAN B . -1.76 -2.06 11.67
C3 MAN B . -2.21 -1.58 13.06
C4 MAN B . -3.25 -2.54 13.62
C5 MAN B . -4.51 -2.53 12.73
C6 MAN B . -5.53 -1.50 13.20
O2 MAN B . -1.37 -0.93 10.95
O3 MAN B . -2.73 -0.25 12.98
O4 MAN B . -2.71 -3.84 13.74
O5 MAN B . -4.17 -2.21 11.35
O6 MAN B . -5.87 -1.73 14.57
H1 MAN B . -2.87 -2.47 9.84
H2 MAN B . -0.92 -2.76 11.77
H3 MAN B . -1.33 -1.58 13.73
H4 MAN B . -3.54 -2.18 14.63
H5 MAN B . -4.95 -3.53 12.75
H61 MAN B . -6.41 -1.60 12.56
H62 MAN B . -5.10 -0.50 13.08
HO2 MAN B . -2.18 -0.39 10.93
HO3 MAN B . -3.01 0.00 13.87
HO4 MAN B . -3.43 -4.40 14.08
HO6 MAN B . -6.25 -0.91 14.91
N THR A 1 9.07 -4.69 2.99
CA THR A 1 8.77 -3.77 1.92
C THR A 1 7.85 -4.50 0.93
N GLN A 2 6.75 -3.88 0.55
CA GLN A 2 5.79 -4.59 -0.26
C GLN A 2 5.91 -4.23 -1.75
N SER A 3 5.41 -5.12 -2.58
CA SER A 3 5.44 -5.04 -4.01
C SER A 3 4.44 -4.02 -4.59
N HIS A 4 4.64 -3.70 -5.86
CA HIS A 4 3.78 -2.86 -6.66
C HIS A 4 2.43 -3.56 -6.79
N TYR A 5 1.34 -2.80 -6.70
CA TYR A 5 -0.05 -3.32 -6.79
C TYR A 5 -0.52 -4.03 -5.52
N GLY A 6 0.26 -3.97 -4.48
CA GLY A 6 -0.18 -4.56 -3.24
C GLY A 6 -0.81 -3.52 -2.35
N GLN A 7 -1.69 -3.96 -1.45
CA GLN A 7 -2.34 -3.08 -0.51
C GLN A 7 -1.31 -2.61 0.49
N CYS A 8 -0.92 -1.38 0.39
CA CYS A 8 0.14 -0.83 1.22
C CYS A 8 -0.31 -0.55 2.63
N GLY A 9 -1.52 -0.07 2.78
CA GLY A 9 -1.97 0.23 4.10
C GLY A 9 -3.17 1.09 4.11
N GLY A 10 -4.29 0.47 4.23
CA GLY A 10 -5.51 1.17 4.40
C GLY A 10 -6.00 0.94 5.80
N ILE A 11 -7.21 1.33 6.08
CA ILE A 11 -7.78 1.11 7.40
C ILE A 11 -7.96 -0.40 7.63
N GLY A 12 -7.30 -0.92 8.63
CA GLY A 12 -7.45 -2.33 8.96
C GLY A 12 -6.33 -3.18 8.40
N TYR A 13 -5.43 -2.56 7.68
CA TYR A 13 -4.30 -3.28 7.15
C TYR A 13 -3.12 -3.10 8.06
N SER A 14 -2.50 -4.16 8.41
CA SER A 14 -1.32 -4.14 9.20
C SER A 14 -0.33 -5.10 8.60
N GLY A 15 0.89 -4.67 8.45
CA GLY A 15 1.90 -5.48 7.82
C GLY A 15 2.94 -4.58 7.18
N PRO A 16 3.46 -4.92 6.00
CA PRO A 16 4.43 -4.10 5.31
C PRO A 16 3.76 -2.90 4.63
N THR A 17 3.82 -1.77 5.28
CA THR A 17 3.21 -0.57 4.82
C THR A 17 4.12 0.25 3.90
N VAL A 18 5.39 -0.10 3.87
CA VAL A 18 6.34 0.59 3.03
C VAL A 18 6.45 -0.14 1.72
N CYS A 19 6.17 0.54 0.65
CA CYS A 19 6.26 -0.03 -0.66
C CYS A 19 7.68 0.10 -1.17
N ALA A 20 8.02 -0.67 -2.18
CA ALA A 20 9.34 -0.60 -2.78
C ALA A 20 9.58 0.78 -3.37
N SER A 21 10.79 1.26 -3.27
CA SER A 21 11.11 2.55 -3.83
C SER A 21 10.87 2.54 -5.33
N GLY A 22 10.12 3.51 -5.77
CA GLY A 22 9.69 3.57 -7.13
C GLY A 22 8.20 3.34 -7.22
N THR A 23 7.62 2.87 -6.12
CA THR A 23 6.19 2.70 -6.03
C THR A 23 5.71 3.49 -4.81
N THR A 24 4.55 4.08 -4.90
CA THR A 24 4.06 4.89 -3.81
C THR A 24 2.73 4.39 -3.30
N CYS A 25 2.57 4.39 -2.00
CA CYS A 25 1.33 3.98 -1.37
C CYS A 25 0.27 5.04 -1.63
N GLN A 26 -0.68 4.72 -2.47
CA GLN A 26 -1.75 5.62 -2.80
C GLN A 26 -3.08 5.05 -2.39
N VAL A 27 -3.84 5.83 -1.68
CA VAL A 27 -5.12 5.43 -1.17
C VAL A 27 -6.16 5.47 -2.29
N LEU A 28 -6.74 4.34 -2.57
CA LEU A 28 -7.73 4.22 -3.61
C LEU A 28 -9.11 4.21 -2.98
N ASN A 29 -9.27 3.38 -2.01
CA ASN A 29 -10.51 3.22 -1.31
C ASN A 29 -10.20 3.40 0.16
N PRO A 30 -11.20 3.59 1.05
CA PRO A 30 -10.96 3.81 2.50
C PRO A 30 -10.05 2.75 3.11
N TYR A 31 -10.29 1.51 2.75
CA TYR A 31 -9.47 0.46 3.28
C TYR A 31 -8.42 0.02 2.27
N TYR A 32 -8.71 0.19 0.99
CA TYR A 32 -7.76 -0.24 0.00
C TYR A 32 -6.80 0.87 -0.45
N SER A 33 -5.56 0.70 -0.15
CA SER A 33 -4.52 1.59 -0.58
C SER A 33 -3.52 0.73 -1.32
N GLN A 34 -3.00 1.19 -2.42
CA GLN A 34 -2.16 0.34 -3.24
C GLN A 34 -0.83 1.01 -3.60
N CYS A 35 0.23 0.22 -3.63
CA CYS A 35 1.52 0.70 -4.02
C CYS A 35 1.57 0.88 -5.53
N LEU A 36 1.54 2.10 -5.95
CA LEU A 36 1.64 2.45 -7.32
C LEU A 36 2.84 3.30 -7.50
C1 MAN B . -2.85 -6.04 12.00
C2 MAN B . -3.38 -7.51 12.07
C3 MAN B . -4.88 -7.58 11.82
C4 MAN B . -5.37 -6.42 10.94
C5 MAN B . -5.06 -5.06 11.63
C6 MAN B . -6.20 -4.58 12.51
O2 MAN B . -3.14 -8.02 13.38
O3 MAN B . -5.53 -7.57 13.09
O4 MAN B . -4.77 -6.49 9.64
O5 MAN B . -3.86 -5.15 12.48
O6 MAN B . -7.40 -4.31 11.76
H1 MAN B . -1.99 -6.00 12.69
H2 MAN B . -2.84 -8.12 11.33
H3 MAN B . -5.04 -8.56 11.33
H4 MAN B . -6.45 -6.52 10.81
H5 MAN B . -4.85 -4.30 10.86
H61 MAN B . -5.88 -3.67 13.03
H62 MAN B . -6.41 -5.35 13.27
HO2 MAN B . -2.19 -7.95 13.55
HO3 MAN B . -4.96 -8.17 13.61
HO4 MAN B . -5.18 -5.77 9.14
HO6 MAN B . -7.93 -5.11 11.70
N THR A 1 8.92 -4.65 2.79
CA THR A 1 8.75 -3.82 1.62
C THR A 1 7.64 -4.41 0.77
N GLN A 2 6.54 -3.69 0.70
CA GLN A 2 5.34 -4.18 0.08
C GLN A 2 5.41 -3.92 -1.44
N SER A 3 5.07 -4.93 -2.19
CA SER A 3 5.24 -4.98 -3.63
C SER A 3 4.27 -4.05 -4.43
N HIS A 4 4.58 -3.87 -5.71
CA HIS A 4 3.84 -3.00 -6.61
C HIS A 4 2.44 -3.59 -6.83
N TYR A 5 1.42 -2.77 -6.65
CA TYR A 5 0.01 -3.14 -6.81
C TYR A 5 -0.54 -3.97 -5.64
N GLY A 6 0.20 -4.00 -4.56
CA GLY A 6 -0.28 -4.64 -3.36
C GLY A 6 -0.83 -3.59 -2.39
N GLN A 7 -1.56 -4.03 -1.38
CA GLN A 7 -2.13 -3.12 -0.38
C GLN A 7 -1.02 -2.65 0.57
N CYS A 8 -0.79 -1.37 0.60
CA CYS A 8 0.28 -0.80 1.41
C CYS A 8 -0.13 -0.54 2.84
N GLY A 9 -1.35 -0.11 3.05
CA GLY A 9 -1.76 0.19 4.40
C GLY A 9 -3.08 0.86 4.46
N GLY A 10 -4.10 0.12 4.13
CA GLY A 10 -5.43 0.62 4.21
C GLY A 10 -6.07 0.08 5.45
N ILE A 11 -7.29 0.50 5.73
CA ILE A 11 -7.98 0.06 6.93
C ILE A 11 -8.16 -1.46 6.92
N GLY A 12 -7.57 -2.11 7.89
CA GLY A 12 -7.61 -3.53 7.99
C GLY A 12 -6.26 -4.16 7.74
N TYR A 13 -5.42 -3.48 6.99
CA TYR A 13 -4.11 -3.98 6.68
C TYR A 13 -3.19 -3.67 7.84
N SER A 14 -2.42 -4.62 8.24
CA SER A 14 -1.55 -4.46 9.36
C SER A 14 -0.20 -5.04 8.99
N GLY A 15 0.74 -4.19 8.69
CA GLY A 15 2.03 -4.64 8.30
C GLY A 15 2.92 -3.52 7.83
N PRO A 16 3.93 -3.82 7.01
CA PRO A 16 4.87 -2.83 6.51
C PRO A 16 4.24 -1.96 5.43
N THR A 17 4.25 -0.68 5.66
CA THR A 17 3.65 0.28 4.78
C THR A 17 4.66 0.83 3.77
N VAL A 18 5.91 0.44 3.90
CA VAL A 18 6.95 0.84 2.99
C VAL A 18 6.79 0.06 1.68
N CYS A 19 6.53 0.76 0.61
CA CYS A 19 6.36 0.15 -0.69
C CYS A 19 7.71 -0.05 -1.36
N ALA A 20 7.73 -0.84 -2.41
CA ALA A 20 8.92 -1.11 -3.18
C ALA A 20 9.45 0.14 -3.88
N SER A 21 10.68 0.08 -4.30
CA SER A 21 11.37 1.15 -4.94
C SER A 21 10.61 1.61 -6.20
N GLY A 22 10.22 2.88 -6.19
CA GLY A 22 9.52 3.45 -7.32
C GLY A 22 8.03 3.45 -7.15
N THR A 23 7.54 2.79 -6.12
CA THR A 23 6.12 2.71 -5.91
C THR A 23 5.70 3.52 -4.70
N THR A 24 4.57 4.15 -4.78
CA THR A 24 4.09 5.00 -3.72
C THR A 24 2.81 4.45 -3.12
N CYS A 25 2.67 4.55 -1.82
CA CYS A 25 1.46 4.10 -1.15
C CYS A 25 0.36 5.11 -1.38
N GLN A 26 -0.61 4.77 -2.19
CA GLN A 26 -1.69 5.67 -2.48
C GLN A 26 -3.01 5.11 -2.01
N VAL A 27 -3.84 5.97 -1.48
CA VAL A 27 -5.13 5.58 -0.97
C VAL A 27 -6.13 5.67 -2.11
N LEU A 28 -6.64 4.55 -2.52
CA LEU A 28 -7.55 4.51 -3.65
C LEU A 28 -8.99 4.52 -3.19
N ASN A 29 -9.21 3.95 -2.04
CA ASN A 29 -10.53 3.84 -1.42
C ASN A 29 -10.31 3.89 0.07
N PRO A 30 -11.36 4.06 0.91
CA PRO A 30 -11.20 4.12 2.38
C PRO A 30 -10.39 2.95 2.96
N TYR A 31 -10.66 1.75 2.49
CA TYR A 31 -9.92 0.60 3.00
C TYR A 31 -8.81 0.20 2.05
N TYR A 32 -8.96 0.53 0.80
CA TYR A 32 -7.99 0.10 -0.17
C TYR A 32 -6.90 1.14 -0.43
N SER A 33 -5.69 0.81 -0.06
CA SER A 33 -4.53 1.63 -0.34
C SER A 33 -3.52 0.73 -1.03
N GLN A 34 -2.99 1.15 -2.14
CA GLN A 34 -2.15 0.32 -2.96
C GLN A 34 -0.85 1.04 -3.34
N CYS A 35 0.24 0.28 -3.44
CA CYS A 35 1.50 0.82 -3.86
C CYS A 35 1.51 0.98 -5.37
N LEU A 36 1.40 2.19 -5.80
CA LEU A 36 1.44 2.54 -7.19
C LEU A 36 2.81 3.05 -7.48
C1 MAN B . -4.23 -5.46 11.67
C2 MAN B . -5.76 -5.22 11.51
C3 MAN B . -6.21 -3.97 12.26
C4 MAN B . -5.07 -2.97 12.44
C5 MAN B . -3.87 -3.62 13.20
C6 MAN B . -3.95 -3.42 14.70
O2 MAN B . -6.43 -6.30 12.14
O3 MAN B . -6.72 -4.38 13.52
O4 MAN B . -4.66 -2.41 11.20
O5 MAN B . -3.82 -5.06 12.96
O6 MAN B . -3.93 -2.04 15.03
H1 MAN B . -4.08 -6.55 11.55
H2 MAN B . -5.99 -5.16 10.43
H3 MAN B . -7.02 -3.48 11.68
H4 MAN B . -5.44 -2.14 13.06
H5 MAN B . -2.94 -3.19 12.81
H61 MAN B . -3.07 -3.92 15.13
H62 MAN B . -4.86 -3.90 15.08
HO2 MAN B . -6.24 -6.14 13.07
HO3 MAN B . -7.02 -3.60 14.00
HO4 MAN B . -4.29 -3.10 10.63
HO6 MAN B . -3.07 -1.68 14.75
N THR A 1 8.95 -4.24 2.98
CA THR A 1 8.80 -3.50 1.75
C THR A 1 7.65 -4.14 0.95
N GLN A 2 6.53 -3.45 0.84
CA GLN A 2 5.33 -4.01 0.26
C GLN A 2 5.32 -3.87 -1.28
N SER A 3 4.84 -4.91 -1.93
CA SER A 3 4.83 -5.11 -3.38
C SER A 3 4.03 -4.06 -4.20
N HIS A 4 4.44 -3.89 -5.44
CA HIS A 4 3.75 -3.05 -6.42
C HIS A 4 2.35 -3.64 -6.66
N TYR A 5 1.32 -2.78 -6.62
CA TYR A 5 -0.09 -3.19 -6.78
C TYR A 5 -0.64 -3.92 -5.55
N GLY A 6 0.12 -3.95 -4.49
CA GLY A 6 -0.37 -4.55 -3.27
C GLY A 6 -0.84 -3.50 -2.31
N GLN A 7 -1.56 -3.90 -1.28
CA GLN A 7 -2.05 -2.99 -0.27
C GLN A 7 -0.94 -2.64 0.71
N CYS A 8 -0.56 -1.40 0.70
CA CYS A 8 0.51 -0.89 1.54
C CYS A 8 0.09 -0.65 2.97
N GLY A 9 -0.96 0.07 3.16
CA GLY A 9 -1.32 0.44 4.48
C GLY A 9 -2.63 1.11 4.50
N GLY A 10 -3.65 0.33 4.41
CA GLY A 10 -4.96 0.84 4.46
C GLY A 10 -5.62 0.43 5.74
N ILE A 11 -6.79 0.93 5.96
CA ILE A 11 -7.56 0.58 7.15
C ILE A 11 -7.90 -0.90 7.09
N GLY A 12 -7.37 -1.66 8.02
CA GLY A 12 -7.61 -3.07 8.05
C GLY A 12 -6.39 -3.86 7.65
N TYR A 13 -5.38 -3.17 7.15
CA TYR A 13 -4.16 -3.83 6.75
C TYR A 13 -3.14 -3.73 7.87
N SER A 14 -2.48 -4.81 8.14
CA SER A 14 -1.49 -4.86 9.18
C SER A 14 -0.23 -5.48 8.59
N GLY A 15 0.81 -4.70 8.42
CA GLY A 15 2.02 -5.25 7.86
C GLY A 15 2.93 -4.18 7.31
N PRO A 16 3.71 -4.49 6.26
CA PRO A 16 4.65 -3.56 5.66
C PRO A 16 3.93 -2.44 4.91
N THR A 17 4.01 -1.27 5.45
CA THR A 17 3.34 -0.12 4.90
C THR A 17 4.18 0.62 3.88
N VAL A 18 5.48 0.39 3.87
CA VAL A 18 6.36 1.09 2.97
C VAL A 18 6.46 0.34 1.67
N CYS A 19 6.17 1.02 0.59
CA CYS A 19 6.15 0.42 -0.73
C CYS A 19 7.54 0.19 -1.29
N ALA A 20 7.60 -0.68 -2.30
CA ALA A 20 8.83 -1.05 -2.98
C ALA A 20 9.46 0.13 -3.72
N SER A 21 10.65 -0.11 -4.23
CA SER A 21 11.44 0.87 -4.90
C SER A 21 10.72 1.49 -6.10
N GLY A 22 10.40 2.76 -5.97
CA GLY A 22 9.79 3.49 -7.04
C GLY A 22 8.28 3.53 -6.94
N THR A 23 7.71 2.87 -5.96
CA THR A 23 6.26 2.82 -5.85
C THR A 23 5.77 3.64 -4.65
N THR A 24 4.61 4.25 -4.78
CA THR A 24 4.07 5.08 -3.72
C THR A 24 2.74 4.53 -3.20
N CYS A 25 2.50 4.65 -1.92
CA CYS A 25 1.27 4.17 -1.32
C CYS A 25 0.15 5.18 -1.58
N GLN A 26 -0.75 4.83 -2.47
CA GLN A 26 -1.84 5.71 -2.82
C GLN A 26 -3.16 5.12 -2.36
N VAL A 27 -3.93 5.93 -1.69
CA VAL A 27 -5.22 5.52 -1.17
C VAL A 27 -6.24 5.52 -2.30
N LEU A 28 -6.71 4.36 -2.66
CA LEU A 28 -7.66 4.24 -3.75
C LEU A 28 -9.07 4.21 -3.21
N ASN A 29 -9.26 3.44 -2.20
CA ASN A 29 -10.57 3.21 -1.61
C ASN A 29 -10.49 3.54 -0.13
N PRO A 30 -11.63 3.53 0.62
CA PRO A 30 -11.62 3.83 2.07
C PRO A 30 -10.62 2.96 2.86
N TYR A 31 -10.59 1.68 2.57
CA TYR A 31 -9.71 0.76 3.27
C TYR A 31 -8.52 0.36 2.38
N TYR A 32 -8.69 0.45 1.08
CA TYR A 32 -7.66 0.00 0.18
C TYR A 32 -6.69 1.11 -0.25
N SER A 33 -5.46 0.95 0.13
CA SER A 33 -4.38 1.80 -0.32
C SER A 33 -3.40 0.88 -1.04
N GLN A 34 -2.95 1.29 -2.21
CA GLN A 34 -2.13 0.42 -3.05
C GLN A 34 -0.82 1.11 -3.45
N CYS A 35 0.25 0.33 -3.59
CA CYS A 35 1.52 0.86 -4.03
C CYS A 35 1.57 1.01 -5.53
N LEU A 36 1.55 2.22 -5.96
CA LEU A 36 1.63 2.60 -7.34
C LEU A 36 2.92 3.35 -7.52
C1 MAN B . -4.08 -6.48 11.38
C2 MAN B . -3.52 -7.94 11.35
C3 MAN B . -3.83 -8.58 10.00
C4 MAN B . -5.34 -8.55 9.76
C5 MAN B . -5.83 -7.11 9.84
C6 MAN B . -7.34 -6.99 9.68
O2 MAN B . -4.12 -8.72 12.38
O3 MAN B . -3.39 -9.93 10.01
O4 MAN B . -5.60 -9.09 8.48
O5 MAN B . -5.49 -6.54 11.15
O6 MAN B . -8.03 -7.46 10.83
H1 MAN B . -3.86 -6.08 12.38
H2 MAN B . -2.44 -7.92 11.51
H3 MAN B . -3.32 -8.00 9.22
H4 MAN B . -5.85 -9.15 10.52
H5 MAN B . -5.34 -6.56 9.03
H61 MAN B . -7.61 -7.58 8.80
H62 MAN B . -7.58 -5.93 9.47
HO2 MAN B . -5.08 -8.70 12.29
HO3 MAN B . -3.90 -10.39 10.68
HO4 MAN B . -5.13 -8.56 7.82
HO6 MAN B . -7.46 -7.25 11.59
N THR A 1 9.39 -4.41 2.58
CA THR A 1 8.71 -3.47 1.71
C THR A 1 7.45 -4.14 1.15
N GLN A 2 6.61 -3.37 0.52
CA GLN A 2 5.41 -3.91 -0.06
C GLN A 2 5.55 -3.85 -1.60
N SER A 3 5.06 -4.87 -2.27
CA SER A 3 5.18 -5.00 -3.72
C SER A 3 4.21 -4.07 -4.49
N HIS A 4 4.56 -3.81 -5.74
CA HIS A 4 3.77 -2.96 -6.62
C HIS A 4 2.40 -3.61 -6.88
N TYR A 5 1.33 -2.81 -6.80
CA TYR A 5 -0.08 -3.26 -7.02
C TYR A 5 -0.63 -4.11 -5.89
N GLY A 6 -0.02 -4.05 -4.74
CA GLY A 6 -0.55 -4.71 -3.58
C GLY A 6 -1.01 -3.69 -2.57
N GLN A 7 -1.72 -4.13 -1.54
CA GLN A 7 -2.24 -3.23 -0.53
C GLN A 7 -1.12 -2.82 0.43
N CYS A 8 -0.89 -1.52 0.53
CA CYS A 8 0.22 -0.98 1.31
C CYS A 8 -0.21 -0.47 2.67
N GLY A 9 -1.42 -0.71 3.03
CA GLY A 9 -1.84 -0.30 4.33
C GLY A 9 -2.95 0.68 4.32
N GLY A 10 -4.12 0.16 4.36
CA GLY A 10 -5.28 0.96 4.52
C GLY A 10 -5.85 0.68 5.87
N ILE A 11 -7.02 1.17 6.15
CA ILE A 11 -7.66 0.92 7.44
C ILE A 11 -7.91 -0.59 7.60
N GLY A 12 -7.39 -1.16 8.65
CA GLY A 12 -7.59 -2.57 8.92
C GLY A 12 -6.40 -3.40 8.53
N TYR A 13 -5.62 -2.91 7.57
CA TYR A 13 -4.45 -3.62 7.11
C TYR A 13 -3.32 -3.40 8.08
N SER A 14 -2.70 -4.47 8.48
CA SER A 14 -1.64 -4.43 9.44
C SER A 14 -0.43 -5.19 8.90
N GLY A 15 0.53 -4.47 8.34
CA GLY A 15 1.68 -5.11 7.78
C GLY A 15 2.62 -4.13 7.11
N PRO A 16 3.16 -4.47 5.93
CA PRO A 16 4.08 -3.60 5.20
C PRO A 16 3.40 -2.36 4.65
N THR A 17 3.87 -1.22 5.07
CA THR A 17 3.30 0.02 4.65
C THR A 17 4.23 0.80 3.72
N VAL A 18 5.50 0.42 3.71
CA VAL A 18 6.48 1.07 2.88
C VAL A 18 6.65 0.25 1.62
N CYS A 19 6.25 0.79 0.51
CA CYS A 19 6.32 0.11 -0.75
C CYS A 19 7.75 0.09 -1.29
N ALA A 20 7.98 -0.73 -2.30
CA ALA A 20 9.28 -0.85 -2.95
C ALA A 20 9.72 0.49 -3.57
N SER A 21 10.99 0.59 -3.86
CA SER A 21 11.56 1.78 -4.43
C SER A 21 10.90 2.10 -5.80
N GLY A 22 10.33 3.27 -5.90
CA GLY A 22 9.72 3.69 -7.13
C GLY A 22 8.22 3.50 -7.10
N THR A 23 7.71 2.95 -6.02
CA THR A 23 6.28 2.75 -5.88
C THR A 23 5.80 3.53 -4.66
N THR A 24 4.64 4.11 -4.74
CA THR A 24 4.11 4.92 -3.68
C THR A 24 2.82 4.34 -3.13
N CYS A 25 2.63 4.44 -1.83
CA CYS A 25 1.44 3.93 -1.20
C CYS A 25 0.31 4.95 -1.34
N GLN A 26 -0.55 4.74 -2.30
CA GLN A 26 -1.64 5.65 -2.55
C GLN A 26 -2.94 5.06 -2.08
N VAL A 27 -3.71 5.84 -1.37
CA VAL A 27 -4.99 5.40 -0.87
C VAL A 27 -6.00 5.46 -2.02
N LEU A 28 -6.52 4.32 -2.39
CA LEU A 28 -7.44 4.24 -3.51
C LEU A 28 -8.86 4.21 -2.99
N ASN A 29 -9.12 3.26 -2.13
CA ASN A 29 -10.44 3.06 -1.55
C ASN A 29 -10.31 3.43 -0.08
N PRO A 30 -11.40 3.51 0.71
CA PRO A 30 -11.32 3.83 2.15
C PRO A 30 -10.36 2.89 2.91
N TYR A 31 -10.40 1.62 2.59
CA TYR A 31 -9.54 0.64 3.24
C TYR A 31 -8.43 0.19 2.30
N TYR A 32 -8.66 0.29 1.00
CA TYR A 32 -7.66 -0.18 0.07
C TYR A 32 -6.67 0.92 -0.33
N SER A 33 -5.45 0.72 0.04
CA SER A 33 -4.35 1.57 -0.34
C SER A 33 -3.42 0.69 -1.14
N GLN A 34 -2.87 1.17 -2.22
CA GLN A 34 -2.06 0.32 -3.07
C GLN A 34 -0.77 1.00 -3.51
N CYS A 35 0.30 0.21 -3.60
CA CYS A 35 1.57 0.70 -4.06
C CYS A 35 1.55 0.90 -5.56
N LEU A 36 1.61 2.12 -5.95
CA LEU A 36 1.64 2.52 -7.33
C LEU A 36 2.96 3.19 -7.59
C1 MAN B . -4.05 -5.38 12.06
C2 MAN B . -5.60 -5.26 12.00
C3 MAN B . -6.13 -4.10 12.86
C4 MAN B . -5.10 -2.96 12.97
C5 MAN B . -3.73 -3.48 13.51
C6 MAN B . -3.52 -3.22 14.97
O2 MAN B . -6.15 -6.46 12.53
O3 MAN B . -6.53 -4.56 14.14
O4 MAN B . -4.94 -2.31 11.73
O5 MAN B . -3.59 -4.91 13.31
O6 MAN B . -4.35 -4.05 15.75
H1 MAN B . -3.84 -6.44 11.97
H2 MAN B . -5.90 -5.12 10.96
H3 MAN B . -7.02 -3.72 12.34
H4 MAN B . -5.48 -2.22 13.69
H5 MAN B . -2.95 -2.94 12.93
H61 MAN B . -3.74 -2.16 15.16
H62 MAN B . -2.46 -3.39 15.23
HO2 MAN B . -5.84 -6.50 13.45
HO3 MAN B . -5.73 -4.84 14.60
HO4 MAN B . -5.79 -1.97 11.46
HO6 MAN B . -4.05 -4.95 15.56
#